data_5Y28
#
_entry.id   5Y28
#
_cell.length_a   89.910
_cell.length_b   91.500
_cell.length_c   120.320
_cell.angle_alpha   90.000
_cell.angle_beta   90.000
_cell.angle_gamma   90.000
#
_symmetry.space_group_name_H-M   'P 21 21 21'
#
loop_
_entity.id
_entity.type
_entity.pdbx_description
1 polymer 'Periplasmic serine endoprotease DegP-like'
2 polymer UNK-UNK-UNK-UNK
3 non-polymer 1,2-ETHANEDIOL
4 water water
#
loop_
_entity_poly.entity_id
_entity_poly.type
_entity_poly.pdbx_seq_one_letter_code
_entity_poly.pdbx_strand_id
1 'polypeptide(L)'
;GPGYQDPGNIQIQSMPKVKERVSVPSKDDTIYSYHDSIKDSIKAVVNISTEKKIKNNFIGGGVFNDPFFQQFFGDLGGMI
PKERMERALGSGVIISKDGYIVTNNHVIDGADKIKVTIPGSNKEYSATLVGTDSESDLAVIRITKDNLPTIKFSDSNDIS
VGDLVFAIGNPFGVGESVTQGIVSALNKSGIGINSYENFIQTDASINPGNSGGALIDSRGGLVGINTAIISKTGGNHGIG
FAIPSNMVKDTVTQLIKTGKIERGYLGVGLQDLSGDLQNSYDNKEGAVVISVEKDSPAKKAGILVWDLITEVNGKKVKNT
NELRNLIGSMLPNQRVTLKVIRDKKERAFTLTLAERK
;
A,B,C
2 'polypeptide(L)' AAAA G
#
# COMPACT_ATOMS: atom_id res chain seq x y z
N GLN A 11 -26.57 8.22 -16.09
CA GLN A 11 -26.87 6.78 -16.01
C GLN A 11 -25.77 6.05 -15.27
N ILE A 12 -25.44 6.53 -14.07
CA ILE A 12 -24.37 5.95 -13.26
C ILE A 12 -24.94 4.82 -12.42
N GLN A 13 -24.41 3.61 -12.63
CA GLN A 13 -24.79 2.47 -11.80
C GLN A 13 -24.28 2.66 -10.37
N SER A 14 -25.01 2.09 -9.42
CA SER A 14 -24.67 2.27 -8.01
C SER A 14 -24.89 0.97 -7.25
N MET A 15 -24.09 0.79 -6.20
CA MET A 15 -24.13 -0.35 -5.30
C MET A 15 -25.26 -0.17 -4.28
N PRO A 16 -25.86 -1.27 -3.81
CA PRO A 16 -26.91 -1.14 -2.78
C PRO A 16 -26.37 -0.51 -1.50
N LYS A 17 -27.31 -0.05 -0.68
CA LYS A 17 -26.96 0.55 0.60
C LYS A 17 -26.33 -0.49 1.52
N VAL A 18 -25.33 -0.06 2.29
CA VAL A 18 -24.62 -0.96 3.20
C VAL A 18 -25.46 -1.13 4.46
N LYS A 19 -25.96 -2.35 4.68
CA LYS A 19 -26.79 -2.65 5.85
C LYS A 19 -25.98 -3.22 7.01
N GLU A 20 -25.19 -4.25 6.77
CA GLU A 20 -24.39 -4.90 7.80
C GLU A 20 -22.91 -4.63 7.59
N ARG A 21 -22.14 -4.84 8.65
CA ARG A 21 -20.70 -4.59 8.65
C ARG A 21 -20.03 -5.70 9.45
N VAL A 22 -19.30 -6.57 8.77
CA VAL A 22 -18.66 -7.73 9.38
C VAL A 22 -17.22 -7.39 9.72
N SER A 23 -16.80 -7.70 10.94
CA SER A 23 -15.46 -7.43 11.42
C SER A 23 -14.78 -8.74 11.81
N VAL A 24 -13.67 -8.62 12.53
CA VAL A 24 -13.01 -9.77 13.16
C VAL A 24 -13.81 -10.13 14.39
N PRO A 25 -13.57 -11.29 15.02
CA PRO A 25 -14.25 -11.62 16.28
C PRO A 25 -14.30 -10.46 17.27
N SER A 26 -15.52 -10.04 17.63
CA SER A 26 -15.74 -8.97 18.58
C SER A 26 -15.65 -9.42 20.03
N LYS A 27 -15.11 -10.62 20.28
CA LYS A 27 -15.05 -11.13 21.63
C LYS A 27 -13.94 -10.43 22.41
N ASP A 28 -14.23 -10.13 23.69
CA ASP A 28 -13.22 -9.65 24.62
C ASP A 28 -12.21 -10.72 25.00
N ASP A 29 -12.40 -11.95 24.53
CA ASP A 29 -11.58 -13.08 24.92
C ASP A 29 -10.61 -13.54 23.84
N THR A 30 -10.85 -13.20 22.58
CA THR A 30 -10.07 -13.72 21.46
C THR A 30 -9.49 -12.59 20.63
N ILE A 31 -8.35 -12.86 20.00
CA ILE A 31 -7.71 -11.94 19.07
C ILE A 31 -7.68 -12.59 17.69
N TYR A 32 -7.48 -11.75 16.67
CA TYR A 32 -7.33 -12.20 15.29
C TYR A 32 -5.85 -12.15 14.91
N SER A 33 -5.36 -13.25 14.35
CA SER A 33 -3.93 -13.38 14.06
C SER A 33 -3.74 -14.23 12.82
N TYR A 34 -2.56 -14.08 12.21
CA TYR A 34 -2.12 -14.93 11.12
C TYR A 34 -1.02 -15.89 11.56
N HIS A 35 -0.76 -16.01 12.87
CA HIS A 35 0.41 -16.72 13.35
C HIS A 35 0.36 -18.20 13.01
N ASP A 36 -0.78 -18.84 13.22
CA ASP A 36 -0.90 -20.26 12.92
C ASP A 36 -0.63 -20.55 11.45
N SER A 37 -0.99 -19.63 10.56
CA SER A 37 -0.73 -19.81 9.14
C SER A 37 0.74 -19.68 8.79
N ILE A 38 1.53 -19.03 9.64
CA ILE A 38 2.93 -18.76 9.35
C ILE A 38 3.88 -19.38 10.38
N LYS A 39 3.36 -20.07 11.40
CA LYS A 39 4.21 -20.56 12.47
C LYS A 39 5.24 -21.55 11.95
N ASP A 40 4.89 -22.37 10.96
CA ASP A 40 5.80 -23.43 10.52
C ASP A 40 6.85 -22.90 9.54
N SER A 41 6.44 -22.06 8.57
CA SER A 41 7.36 -21.60 7.55
C SER A 41 8.50 -20.76 8.12
N ILE A 42 8.31 -20.17 9.29
CA ILE A 42 9.33 -19.30 9.88
C ILE A 42 10.59 -20.09 10.24
N LYS A 43 10.43 -21.37 10.61
CA LYS A 43 11.56 -22.21 11.00
C LYS A 43 12.42 -22.64 9.81
N ALA A 44 12.00 -22.34 8.58
CA ALA A 44 12.76 -22.67 7.38
C ALA A 44 13.45 -21.45 6.77
N VAL A 45 13.32 -20.28 7.39
CA VAL A 45 13.96 -19.06 6.91
C VAL A 45 15.16 -18.79 7.81
N VAL A 46 16.34 -18.67 7.21
CA VAL A 46 17.59 -18.58 7.95
C VAL A 46 18.25 -17.24 7.72
N ASN A 47 19.13 -16.88 8.65
CA ASN A 47 19.99 -15.72 8.49
C ASN A 47 21.22 -16.10 7.67
N ILE A 48 21.85 -15.09 7.07
CA ILE A 48 23.04 -15.28 6.26
C ILE A 48 24.03 -14.17 6.59
N SER A 49 25.18 -14.55 7.14
CA SER A 49 26.20 -13.60 7.57
C SER A 49 27.56 -14.03 7.01
N THR A 50 28.57 -13.21 7.27
CA THR A 50 29.94 -13.52 6.87
C THR A 50 30.73 -14.10 8.04
N MET A 85 24.42 -10.92 15.47
CA MET A 85 25.33 -10.49 14.42
C MET A 85 25.22 -8.98 14.18
N GLU A 86 26.38 -8.30 14.16
CA GLU A 86 26.39 -6.87 13.91
C GLU A 86 26.25 -6.57 12.43
N ARG A 87 27.07 -7.22 11.59
CA ARG A 87 27.07 -7.00 10.15
C ARG A 87 26.60 -8.30 9.47
N ALA A 88 25.33 -8.34 9.10
CA ALA A 88 24.74 -9.47 8.41
C ALA A 88 24.44 -9.08 6.96
N LEU A 89 23.92 -10.04 6.20
CA LEU A 89 23.66 -9.81 4.78
C LEU A 89 22.55 -10.75 4.31
N GLY A 90 21.33 -10.24 4.24
CA GLY A 90 20.22 -10.95 3.63
C GLY A 90 19.75 -12.18 4.40
N SER A 91 18.67 -12.77 3.90
CA SER A 91 18.06 -13.96 4.48
C SER A 91 18.13 -15.11 3.47
N GLY A 92 17.68 -16.28 3.92
CA GLY A 92 17.68 -17.46 3.08
C GLY A 92 16.59 -18.43 3.51
N VAL A 93 16.27 -19.35 2.62
CA VAL A 93 15.17 -20.30 2.82
C VAL A 93 15.69 -21.72 2.62
N ILE A 94 15.51 -22.57 3.62
CA ILE A 94 15.86 -23.97 3.50
C ILE A 94 14.91 -24.67 2.54
N ILE A 95 15.45 -25.40 1.57
CA ILE A 95 14.64 -26.10 0.59
C ILE A 95 14.88 -27.60 0.59
N SER A 96 15.82 -28.10 1.38
CA SER A 96 16.07 -29.53 1.45
C SER A 96 16.30 -29.94 2.90
N LYS A 97 15.89 -31.16 3.23
CA LYS A 97 16.09 -31.69 4.58
C LYS A 97 17.57 -31.82 4.90
N ASP A 98 18.41 -32.08 3.89
CA ASP A 98 19.82 -32.34 4.10
C ASP A 98 20.69 -31.09 4.11
N GLY A 99 20.13 -29.91 3.88
CA GLY A 99 20.87 -28.68 4.12
C GLY A 99 21.04 -27.72 2.95
N TYR A 100 20.18 -27.79 1.95
CA TYR A 100 20.25 -26.87 0.82
C TYR A 100 19.39 -25.64 1.09
N ILE A 101 19.93 -24.46 0.77
CA ILE A 101 19.32 -23.18 1.09
C ILE A 101 19.30 -22.31 -0.15
N VAL A 102 18.26 -21.49 -0.28
CA VAL A 102 18.11 -20.54 -1.38
C VAL A 102 18.24 -19.13 -0.84
N THR A 103 18.86 -18.26 -1.63
CA THR A 103 18.97 -16.84 -1.32
C THR A 103 19.04 -16.08 -2.64
N ASN A 104 19.14 -14.75 -2.54
CA ASN A 104 19.37 -13.94 -3.72
C ASN A 104 20.85 -13.93 -4.07
N ASN A 105 21.13 -13.80 -5.37
CA ASN A 105 22.52 -13.73 -5.82
C ASN A 105 23.20 -12.49 -5.28
N HIS A 106 22.48 -11.35 -5.25
CA HIS A 106 23.06 -10.13 -4.72
C HIS A 106 23.27 -10.18 -3.21
N VAL A 107 22.63 -11.12 -2.52
CA VAL A 107 22.80 -11.23 -1.08
C VAL A 107 24.19 -11.73 -0.74
N ILE A 108 24.72 -12.64 -1.55
CA ILE A 108 25.96 -13.34 -1.21
C ILE A 108 27.13 -12.83 -2.04
N ASP A 109 26.84 -12.31 -3.24
CA ASP A 109 27.87 -11.85 -4.17
C ASP A 109 28.93 -10.99 -3.49
N GLY A 110 30.11 -11.56 -3.29
CA GLY A 110 31.26 -10.86 -2.74
C GLY A 110 31.83 -11.47 -1.48
N ALA A 111 31.06 -12.28 -0.76
CA ALA A 111 31.52 -12.80 0.52
C ALA A 111 32.49 -13.96 0.33
N ASP A 112 33.26 -14.24 1.39
CA ASP A 112 34.27 -15.29 1.37
C ASP A 112 33.99 -16.43 2.34
N LYS A 113 33.23 -16.19 3.41
CA LYS A 113 32.93 -17.21 4.42
C LYS A 113 31.47 -17.03 4.86
N ILE A 114 30.57 -17.70 4.15
CA ILE A 114 29.14 -17.57 4.42
C ILE A 114 28.76 -18.41 5.63
N LYS A 115 28.08 -17.80 6.59
CA LYS A 115 27.58 -18.49 7.77
C LYS A 115 26.08 -18.24 7.90
N VAL A 116 25.35 -19.25 8.38
CA VAL A 116 23.90 -19.15 8.51
C VAL A 116 23.51 -19.40 9.96
N THR A 117 22.32 -18.92 10.31
CA THR A 117 21.71 -19.16 11.62
C THR A 117 20.28 -19.60 11.41
N ILE A 118 19.83 -20.58 12.20
CA ILE A 118 18.52 -21.19 12.05
C ILE A 118 17.64 -20.72 13.20
N PRO A 119 16.34 -20.52 12.98
CA PRO A 119 15.43 -20.24 14.10
C PRO A 119 15.53 -21.33 15.16
N GLY A 120 15.76 -20.91 16.39
CA GLY A 120 16.14 -21.81 17.45
C GLY A 120 17.64 -21.86 17.60
N SER A 121 18.10 -22.93 18.26
CA SER A 121 19.52 -23.22 18.47
C SER A 121 20.35 -21.98 18.82
N ASN A 122 20.61 -21.15 17.83
CA ASN A 122 21.47 -19.96 17.91
C ASN A 122 22.90 -20.29 17.48
N LYS A 123 23.17 -21.54 17.09
CA LYS A 123 24.48 -21.92 16.60
C LYS A 123 24.65 -21.49 15.15
N GLU A 124 25.88 -21.15 14.80
CA GLU A 124 26.21 -20.71 13.45
C GLU A 124 26.78 -21.88 12.66
N TYR A 125 26.43 -21.94 11.38
CA TYR A 125 26.80 -23.05 10.51
C TYR A 125 27.59 -22.52 9.32
N SER A 126 28.68 -23.21 8.98
CA SER A 126 29.45 -22.86 7.80
C SER A 126 28.70 -23.28 6.55
N ALA A 127 28.52 -22.33 5.63
CA ALA A 127 27.79 -22.56 4.39
C ALA A 127 28.74 -22.49 3.20
N THR A 128 28.54 -23.40 2.25
CA THR A 128 29.35 -23.46 1.03
C THR A 128 28.48 -23.16 -0.18
N LEU A 129 29.02 -22.36 -1.09
CA LEU A 129 28.28 -21.97 -2.28
C LEU A 129 28.15 -23.14 -3.25
N VAL A 130 26.95 -23.31 -3.80
CA VAL A 130 26.66 -24.37 -4.75
C VAL A 130 26.52 -23.82 -6.17
N GLY A 131 25.70 -22.79 -6.33
CA GLY A 131 25.49 -22.17 -7.63
C GLY A 131 25.05 -20.74 -7.47
N THR A 132 25.15 -19.99 -8.57
CA THR A 132 24.80 -18.57 -8.55
C THR A 132 24.36 -18.16 -9.95
N ASP A 133 23.07 -17.94 -10.13
CA ASP A 133 22.53 -17.41 -11.37
C ASP A 133 22.48 -15.89 -11.27
N SER A 134 23.19 -15.20 -12.15
CA SER A 134 23.22 -13.74 -12.11
C SER A 134 21.95 -13.14 -12.67
N GLU A 135 21.45 -13.68 -13.78
CA GLU A 135 20.25 -13.14 -14.41
C GLU A 135 19.03 -13.30 -13.51
N SER A 136 18.87 -14.46 -12.90
CA SER A 136 17.70 -14.73 -12.06
C SER A 136 17.87 -14.21 -10.64
N ASP A 137 19.06 -13.74 -10.27
CA ASP A 137 19.35 -13.28 -8.90
C ASP A 137 19.06 -14.39 -7.88
N LEU A 138 19.51 -15.60 -8.20
CA LEU A 138 19.30 -16.75 -7.34
C LEU A 138 20.63 -17.45 -7.08
N ALA A 139 20.79 -17.95 -5.85
CA ALA A 139 21.98 -18.68 -5.45
C ALA A 139 21.59 -19.79 -4.49
N VAL A 140 22.37 -20.86 -4.48
CA VAL A 140 22.15 -22.00 -3.62
C VAL A 140 23.39 -22.21 -2.77
N ILE A 141 23.19 -22.40 -1.46
CA ILE A 141 24.27 -22.71 -0.54
C ILE A 141 23.85 -23.92 0.29
N ARG A 142 24.83 -24.52 0.97
CA ARG A 142 24.59 -25.75 1.73
C ARG A 142 25.30 -25.68 3.08
N ILE A 143 24.65 -26.24 4.09
CA ILE A 143 25.24 -26.43 5.41
C ILE A 143 25.18 -27.91 5.74
N THR A 144 25.97 -28.30 6.75
CA THR A 144 26.05 -29.69 7.18
C THR A 144 25.11 -29.87 8.38
N LYS A 145 23.84 -30.12 8.08
CA LYS A 145 22.84 -30.38 9.11
C LYS A 145 21.74 -31.24 8.50
N ASP A 146 21.15 -32.11 9.31
CA ASP A 146 20.12 -33.01 8.84
C ASP A 146 18.80 -32.74 9.57
N ASN A 147 17.72 -33.22 8.97
CA ASN A 147 16.37 -33.08 9.53
C ASN A 147 16.02 -31.62 9.78
N LEU A 148 16.47 -30.74 8.89
CA LEU A 148 16.18 -29.33 9.01
C LEU A 148 14.73 -29.05 8.64
N PRO A 149 14.13 -28.00 9.21
CA PRO A 149 12.81 -27.57 8.73
C PRO A 149 12.93 -27.02 7.32
N THR A 150 12.20 -27.64 6.40
CA THR A 150 12.20 -27.22 5.01
C THR A 150 10.88 -26.52 4.68
N ILE A 151 10.86 -25.85 3.53
CA ILE A 151 9.70 -25.14 3.05
C ILE A 151 9.14 -25.87 1.83
N LYS A 152 7.81 -25.89 1.71
CA LYS A 152 7.15 -26.56 0.61
C LYS A 152 6.75 -25.53 -0.45
N PHE A 153 7.02 -25.86 -1.71
CA PHE A 153 6.83 -24.93 -2.80
C PHE A 153 5.37 -24.91 -3.26
N SER A 154 4.81 -23.70 -3.39
CA SER A 154 3.51 -23.50 -4.00
C SER A 154 3.67 -23.18 -5.47
N ASP A 155 2.66 -23.54 -6.26
CA ASP A 155 2.68 -23.32 -7.70
C ASP A 155 2.39 -21.85 -7.97
N SER A 156 3.43 -21.10 -8.36
CA SER A 156 3.29 -19.67 -8.61
C SER A 156 2.45 -19.36 -9.84
N ASN A 157 2.02 -20.37 -10.60
CA ASN A 157 1.16 -20.16 -11.75
C ASN A 157 -0.32 -20.37 -11.42
N ASP A 158 -0.65 -20.60 -10.15
CA ASP A 158 -2.03 -20.73 -9.72
C ASP A 158 -2.47 -19.58 -8.82
N ILE A 159 -1.64 -18.56 -8.67
CA ILE A 159 -1.95 -17.44 -7.79
C ILE A 159 -2.63 -16.33 -8.60
N SER A 160 -3.46 -15.56 -7.90
CA SER A 160 -4.17 -14.44 -8.49
C SER A 160 -3.89 -13.20 -7.68
N VAL A 161 -4.06 -12.04 -8.32
CA VAL A 161 -3.92 -10.78 -7.59
C VAL A 161 -4.97 -10.71 -6.51
N GLY A 162 -4.58 -10.23 -5.32
CA GLY A 162 -5.44 -10.23 -4.16
C GLY A 162 -5.18 -11.36 -3.19
N ASP A 163 -4.38 -12.35 -3.57
CA ASP A 163 -4.04 -13.45 -2.68
C ASP A 163 -3.25 -12.94 -1.48
N LEU A 164 -3.63 -13.39 -0.29
CA LEU A 164 -2.91 -13.01 0.91
C LEU A 164 -1.54 -13.67 0.94
N VAL A 165 -0.49 -12.87 1.10
CA VAL A 165 0.88 -13.37 1.13
C VAL A 165 1.63 -12.72 2.28
N PHE A 166 2.68 -13.41 2.73
CA PHE A 166 3.52 -12.96 3.83
C PHE A 166 4.98 -13.05 3.41
N ALA A 167 5.74 -12.00 3.72
CA ALA A 167 7.16 -11.95 3.43
C ALA A 167 7.92 -12.23 4.72
N ILE A 168 8.54 -13.41 4.81
CA ILE A 168 9.30 -13.82 5.98
C ILE A 168 10.78 -13.59 5.72
N GLY A 169 11.50 -13.18 6.75
CA GLY A 169 12.94 -12.99 6.67
C GLY A 169 13.56 -13.09 8.04
N ASN A 170 14.86 -13.40 8.05
CA ASN A 170 15.65 -13.51 9.27
C ASN A 170 16.82 -12.54 9.14
N PRO A 171 16.59 -11.24 9.38
CA PRO A 171 17.62 -10.26 9.03
C PRO A 171 18.87 -10.31 9.89
N PHE A 172 18.75 -10.61 11.18
CA PHE A 172 19.88 -10.50 12.09
C PHE A 172 20.09 -11.74 12.96
N GLY A 173 19.53 -12.88 12.56
CA GLY A 173 19.85 -14.13 13.23
C GLY A 173 19.46 -14.22 14.68
N VAL A 174 18.43 -13.47 15.09
CA VAL A 174 17.95 -13.54 16.47
C VAL A 174 16.48 -13.94 16.47
N GLY A 175 15.76 -13.54 15.43
CA GLY A 175 14.36 -13.88 15.36
C GLY A 175 13.84 -13.73 13.94
N GLU A 176 12.51 -13.82 13.83
CA GLU A 176 11.86 -13.69 12.53
C GLU A 176 11.56 -12.24 12.23
N SER A 177 10.95 -12.01 11.06
CA SER A 177 10.52 -10.68 10.62
C SER A 177 9.49 -10.80 9.51
N VAL A 178 8.21 -10.81 9.85
CA VAL A 178 7.13 -11.07 8.89
C VAL A 178 6.41 -9.76 8.55
N THR A 179 6.09 -9.59 7.27
CA THR A 179 5.27 -8.48 6.80
C THR A 179 4.12 -9.02 5.99
N GLN A 180 2.99 -8.32 6.01
CA GLN A 180 1.75 -8.82 5.44
C GLN A 180 1.31 -7.93 4.28
N GLY A 181 0.80 -8.57 3.23
CA GLY A 181 0.30 -7.85 2.08
C GLY A 181 -0.53 -8.77 1.20
N ILE A 182 -0.63 -8.39 -0.08
CA ILE A 182 -1.34 -9.19 -1.07
C ILE A 182 -0.51 -9.23 -2.36
N VAL A 183 -0.90 -10.15 -3.25
CA VAL A 183 -0.31 -10.21 -4.58
C VAL A 183 -0.84 -9.02 -5.39
N SER A 184 0.04 -8.07 -5.71
CA SER A 184 -0.40 -6.85 -6.37
C SER A 184 -0.58 -7.05 -7.88
N ALA A 185 0.42 -7.62 -8.54
CA ALA A 185 0.37 -7.81 -9.97
C ALA A 185 1.14 -9.07 -10.34
N LEU A 186 0.79 -9.63 -11.49
CA LEU A 186 1.37 -10.88 -11.98
C LEU A 186 2.08 -10.64 -13.31
N ASN A 187 2.57 -11.73 -13.90
CA ASN A 187 3.35 -11.66 -15.14
C ASN A 187 2.48 -11.30 -16.33
N ASN A 198 7.19 -14.23 -13.83
CA ASN A 198 8.36 -13.46 -14.21
C ASN A 198 8.80 -12.55 -13.06
N PHE A 199 7.82 -11.98 -12.37
CA PHE A 199 8.04 -11.16 -11.19
C PHE A 199 6.73 -10.95 -10.46
N ILE A 200 6.72 -11.21 -9.16
CA ILE A 200 5.51 -11.05 -8.35
C ILE A 200 5.61 -9.73 -7.59
N GLN A 201 4.65 -8.85 -7.80
CA GLN A 201 4.57 -7.59 -7.10
C GLN A 201 3.62 -7.75 -5.91
N THR A 202 4.04 -7.24 -4.76
CA THR A 202 3.24 -7.35 -3.55
C THR A 202 3.40 -6.09 -2.71
N ASP A 203 2.30 -5.66 -2.10
CA ASP A 203 2.35 -4.52 -1.19
C ASP A 203 2.82 -4.91 0.21
N ALA A 204 3.34 -6.13 0.37
CA ALA A 204 4.04 -6.52 1.58
C ALA A 204 5.46 -5.96 1.55
N SER A 205 5.96 -5.57 2.72
CA SER A 205 7.24 -4.88 2.81
C SER A 205 8.38 -5.83 2.42
N ILE A 206 8.98 -5.58 1.26
CA ILE A 206 10.14 -6.32 0.78
C ILE A 206 11.34 -5.40 0.88
N ASN A 207 12.17 -5.62 1.89
CA ASN A 207 13.31 -4.77 2.20
C ASN A 207 14.57 -5.62 2.31
N PRO A 208 15.75 -4.98 2.38
CA PRO A 208 16.99 -5.75 2.58
C PRO A 208 16.94 -6.77 3.70
N GLY A 209 16.17 -6.52 4.76
CA GLY A 209 16.00 -7.53 5.78
C GLY A 209 15.24 -8.75 5.27
N ASN A 210 14.24 -8.52 4.42
CA ASN A 210 13.44 -9.60 3.86
C ASN A 210 14.05 -10.21 2.59
N SER A 211 15.05 -9.55 1.99
CA SER A 211 15.60 -10.02 0.73
C SER A 211 16.23 -11.40 0.89
N GLY A 212 16.02 -12.26 -0.10
CA GLY A 212 16.41 -13.65 0.00
C GLY A 212 15.48 -14.50 0.83
N GLY A 213 14.53 -13.90 1.54
CA GLY A 213 13.62 -14.62 2.39
C GLY A 213 12.50 -15.28 1.61
N ALA A 214 11.48 -15.70 2.36
CA ALA A 214 10.36 -16.47 1.81
C ALA A 214 9.15 -15.58 1.65
N LEU A 215 8.49 -15.68 0.50
CA LEU A 215 7.16 -15.12 0.28
C LEU A 215 6.19 -16.30 0.23
N ILE A 216 5.33 -16.39 1.23
CA ILE A 216 4.44 -17.53 1.37
C ILE A 216 3.00 -17.09 1.20
N ASP A 217 2.13 -18.06 0.92
CA ASP A 217 0.69 -17.83 0.89
C ASP A 217 0.13 -18.04 2.30
N SER A 218 -1.19 -18.18 2.41
CA SER A 218 -1.79 -18.38 3.73
C SER A 218 -1.62 -19.81 4.24
N ARG A 219 -1.16 -20.74 3.40
CA ARG A 219 -0.88 -22.10 3.84
C ARG A 219 0.56 -22.27 4.31
N GLY A 220 1.36 -21.21 4.29
CA GLY A 220 2.77 -21.32 4.56
C GLY A 220 3.61 -21.77 3.39
N GLY A 221 2.98 -22.05 2.24
CA GLY A 221 3.72 -22.54 1.10
C GLY A 221 4.46 -21.43 0.37
N LEU A 222 5.69 -21.73 -0.04
CA LEU A 222 6.54 -20.77 -0.72
C LEU A 222 5.96 -20.37 -2.07
N VAL A 223 5.56 -19.10 -2.22
CA VAL A 223 5.10 -18.59 -3.50
C VAL A 223 6.20 -17.81 -4.23
N GLY A 224 7.26 -17.43 -3.54
CA GLY A 224 8.35 -16.71 -4.17
C GLY A 224 9.43 -16.39 -3.17
N ILE A 225 10.55 -15.92 -3.69
CA ILE A 225 11.69 -15.50 -2.89
C ILE A 225 11.80 -13.98 -2.97
N ASN A 226 11.80 -13.31 -1.83
CA ASN A 226 11.84 -11.85 -1.80
C ASN A 226 13.14 -11.34 -2.42
N THR A 227 13.05 -10.18 -3.07
CA THR A 227 14.20 -9.56 -3.72
C THR A 227 14.09 -8.05 -3.56
N ALA A 228 14.93 -7.47 -2.70
CA ALA A 228 14.95 -6.03 -2.51
C ALA A 228 15.80 -5.38 -3.59
N ILE A 229 15.21 -4.41 -4.29
CA ILE A 229 15.87 -3.71 -5.39
C ILE A 229 15.81 -2.22 -5.10
N ILE A 230 16.97 -1.61 -4.84
CA ILE A 230 17.08 -0.18 -4.57
C ILE A 230 16.15 0.26 -3.45
N ASN A 236 10.53 4.11 -3.85
CA ASN A 236 9.83 3.42 -2.76
C ASN A 236 8.54 2.80 -3.24
N HIS A 237 7.49 3.62 -3.34
CA HIS A 237 6.17 3.23 -3.84
C HIS A 237 5.49 2.20 -2.94
N GLY A 238 6.21 1.64 -1.98
CA GLY A 238 5.65 0.64 -1.09
C GLY A 238 5.38 -0.70 -1.73
N ILE A 239 5.88 -0.94 -2.94
CA ILE A 239 5.65 -2.17 -3.67
C ILE A 239 6.98 -2.92 -3.80
N GLY A 240 6.95 -4.21 -3.46
CA GLY A 240 8.13 -5.05 -3.53
C GLY A 240 7.99 -6.11 -4.61
N PHE A 241 9.11 -6.79 -4.86
CA PHE A 241 9.18 -7.83 -5.89
C PHE A 241 9.63 -9.14 -5.28
N ALA A 242 9.29 -10.23 -5.95
CA ALA A 242 9.66 -11.57 -5.49
C ALA A 242 9.74 -12.50 -6.70
N ILE A 243 10.80 -13.30 -6.73
CA ILE A 243 11.03 -14.26 -7.81
C ILE A 243 10.06 -15.42 -7.63
N PRO A 244 9.19 -15.69 -8.61
CA PRO A 244 8.16 -16.72 -8.42
C PRO A 244 8.74 -18.09 -8.08
N SER A 245 7.95 -18.89 -7.36
CA SER A 245 8.46 -20.15 -6.84
C SER A 245 8.76 -21.15 -7.94
N ASN A 246 7.94 -21.17 -9.00
CA ASN A 246 8.20 -22.07 -10.11
C ASN A 246 9.55 -21.79 -10.74
N MET A 247 9.89 -20.51 -10.92
CA MET A 247 11.22 -20.16 -11.41
C MET A 247 12.30 -20.55 -10.42
N VAL A 248 12.05 -20.34 -9.12
CA VAL A 248 13.01 -20.72 -8.09
C VAL A 248 13.21 -22.23 -8.09
N LYS A 249 12.12 -22.99 -8.25
CA LYS A 249 12.23 -24.45 -8.25
C LYS A 249 13.11 -24.94 -9.39
N ASP A 250 12.92 -24.40 -10.60
CA ASP A 250 13.70 -24.85 -11.74
C ASP A 250 15.16 -24.44 -11.63
N THR A 251 15.43 -23.27 -11.04
CA THR A 251 16.80 -22.77 -10.98
C THR A 251 17.64 -23.55 -9.97
N VAL A 252 17.09 -23.78 -8.78
CA VAL A 252 17.88 -24.41 -7.73
C VAL A 252 18.13 -25.89 -7.99
N THR A 253 17.34 -26.54 -8.85
CA THR A 253 17.67 -27.90 -9.26
C THR A 253 18.86 -27.89 -10.21
N GLN A 254 18.86 -27.00 -11.20
CA GLN A 254 19.97 -26.91 -12.13
C GLN A 254 21.25 -26.46 -11.44
N LEU A 255 21.14 -25.59 -10.44
CA LEU A 255 22.33 -25.14 -9.73
C LEU A 255 22.91 -26.24 -8.86
N ILE A 256 22.05 -27.09 -8.29
CA ILE A 256 22.55 -28.18 -7.46
C ILE A 256 23.12 -29.29 -8.32
N LYS A 257 22.44 -29.62 -9.42
CA LYS A 257 22.88 -30.73 -10.26
C LYS A 257 24.15 -30.38 -11.02
N THR A 258 24.07 -29.40 -11.93
CA THR A 258 25.17 -29.09 -12.83
C THR A 258 26.12 -28.03 -12.27
N GLY A 259 25.77 -27.33 -11.19
CA GLY A 259 26.61 -26.32 -10.61
C GLY A 259 26.33 -24.91 -11.11
N LYS A 260 25.69 -24.76 -12.27
CA LYS A 260 25.35 -23.46 -12.81
C LYS A 260 24.14 -23.63 -13.72
N ILE A 261 23.69 -22.52 -14.30
CA ILE A 261 22.53 -22.52 -15.19
C ILE A 261 23.03 -22.61 -16.62
N GLU A 262 22.68 -23.70 -17.30
CA GLU A 262 23.02 -23.91 -18.70
C GLU A 262 21.86 -23.47 -19.58
N ARG A 263 22.13 -22.59 -20.53
CA ARG A 263 21.07 -21.97 -21.33
C ARG A 263 20.76 -22.76 -22.60
N GLY A 264 21.48 -22.44 -23.68
CA GLY A 264 21.15 -22.95 -24.99
C GLY A 264 21.28 -21.83 -26.01
N TYR A 265 21.89 -22.11 -27.15
CA TYR A 265 22.26 -21.05 -28.07
C TYR A 265 22.14 -21.54 -29.50
N LEU A 266 21.46 -20.76 -30.35
CA LEU A 266 21.30 -21.06 -31.76
C LEU A 266 22.29 -20.29 -32.63
N GLY A 267 22.45 -18.99 -32.38
CA GLY A 267 23.37 -18.18 -33.14
C GLY A 267 22.67 -17.30 -34.17
N VAL A 268 21.48 -16.81 -33.82
CA VAL A 268 20.67 -16.00 -34.72
C VAL A 268 20.20 -14.76 -33.98
N GLY A 269 20.17 -13.63 -34.69
CA GLY A 269 19.57 -12.41 -34.18
C GLY A 269 18.14 -12.31 -34.68
N LEU A 270 17.23 -12.00 -33.76
CA LEU A 270 15.81 -12.06 -34.03
C LEU A 270 15.19 -10.66 -34.05
N GLN A 271 14.07 -10.56 -34.76
CA GLN A 271 13.31 -9.32 -34.84
C GLN A 271 11.85 -9.64 -35.16
N ASP A 272 10.98 -8.71 -34.80
CA ASP A 272 9.54 -8.90 -34.96
C ASP A 272 9.04 -8.14 -36.19
N LEU A 273 8.08 -8.74 -36.89
CA LEU A 273 7.47 -8.11 -38.04
C LEU A 273 6.39 -7.12 -37.59
N SER A 274 6.24 -6.04 -38.36
CA SER A 274 5.27 -5.01 -38.04
C SER A 274 4.63 -4.44 -39.31
N GLY A 275 5.44 -4.24 -40.34
CA GLY A 275 4.94 -3.72 -41.59
C GLY A 275 5.32 -4.57 -42.78
N ASP A 276 6.39 -5.35 -42.63
CA ASP A 276 6.87 -6.26 -43.68
C ASP A 276 6.31 -7.66 -43.53
N LEU A 277 5.06 -7.79 -43.10
CA LEU A 277 4.44 -9.10 -42.90
C LEU A 277 4.24 -9.76 -44.26
N GLN A 278 4.99 -10.83 -44.51
CA GLN A 278 4.91 -11.59 -45.75
C GLN A 278 4.20 -12.91 -45.47
N ASN A 279 3.02 -13.08 -46.08
CA ASN A 279 2.21 -14.29 -45.92
C ASN A 279 1.79 -14.52 -44.47
N SER A 280 1.54 -13.43 -43.74
CA SER A 280 1.06 -13.52 -42.37
C SER A 280 0.38 -12.22 -41.95
N TRP A 306 23.51 -20.38 -39.59
CA TRP A 306 23.77 -21.80 -39.37
C TRP A 306 23.76 -22.11 -37.88
N ASP A 307 24.89 -21.86 -37.22
CA ASP A 307 25.00 -22.05 -35.78
C ASP A 307 26.27 -21.40 -35.24
N LEU A 308 27.38 -21.59 -35.96
CA LEU A 308 28.69 -21.24 -35.40
C LEU A 308 28.92 -19.73 -35.39
N ILE A 309 28.37 -18.98 -36.35
CA ILE A 309 28.72 -17.57 -36.47
C ILE A 309 27.48 -16.69 -36.31
N THR A 310 26.97 -16.13 -37.41
CA THR A 310 26.03 -15.03 -37.35
C THR A 310 24.78 -15.30 -38.18
N GLU A 311 23.76 -14.47 -37.91
CA GLU A 311 22.50 -14.46 -38.63
C GLU A 311 21.62 -13.34 -38.08
N VAL A 312 20.76 -12.76 -38.92
CA VAL A 312 19.77 -11.79 -38.46
C VAL A 312 18.43 -12.11 -39.13
N ASN A 313 17.57 -12.83 -38.42
CA ASN A 313 16.33 -13.33 -38.97
C ASN A 313 15.15 -12.82 -38.17
N GLY A 314 13.95 -13.15 -38.66
CA GLY A 314 12.71 -12.81 -37.99
C GLY A 314 12.02 -14.03 -37.42
N LYS A 315 10.96 -13.77 -36.65
CA LYS A 315 10.17 -14.83 -36.04
C LYS A 315 8.90 -14.21 -35.49
N LYS A 316 7.90 -15.07 -35.25
CA LYS A 316 6.67 -14.61 -34.60
C LYS A 316 6.96 -14.41 -33.11
N VAL A 317 6.71 -13.18 -32.63
CA VAL A 317 7.04 -12.78 -31.26
C VAL A 317 8.49 -13.15 -30.95
N LYS A 318 9.42 -12.26 -31.32
CA LYS A 318 10.84 -12.54 -31.17
C LYS A 318 11.29 -12.45 -29.71
N ASN A 319 10.48 -12.98 -28.81
CA ASN A 319 10.80 -12.96 -27.38
C ASN A 319 10.59 -14.35 -26.78
N THR A 320 9.68 -15.12 -27.37
CA THR A 320 9.44 -16.48 -26.92
C THR A 320 10.49 -17.46 -27.44
N ASN A 321 11.09 -17.16 -28.60
CA ASN A 321 12.10 -18.05 -29.16
C ASN A 321 13.38 -18.02 -28.33
N GLU A 322 13.75 -16.85 -27.80
CA GLU A 322 14.91 -16.77 -26.93
C GLU A 322 14.67 -17.49 -25.61
N LEU A 323 13.42 -17.55 -25.15
CA LEU A 323 13.11 -18.27 -23.93
C LEU A 323 13.01 -19.78 -24.17
N ARG A 324 12.63 -20.19 -25.38
CA ARG A 324 12.55 -21.62 -25.68
C ARG A 324 13.93 -22.24 -25.83
N ASN A 325 14.90 -21.48 -26.33
CA ASN A 325 16.27 -21.98 -26.46
C ASN A 325 17.08 -21.84 -25.18
N LEU A 326 16.87 -20.76 -24.41
CA LEU A 326 17.48 -20.68 -23.09
C LEU A 326 17.00 -21.79 -22.18
N ILE A 327 15.80 -22.34 -22.43
CA ILE A 327 15.34 -23.51 -21.71
C ILE A 327 15.67 -24.79 -22.46
N GLY A 328 16.28 -24.70 -23.64
CA GLY A 328 16.62 -25.90 -24.41
C GLY A 328 17.72 -26.73 -23.76
N SER A 329 18.59 -26.09 -22.99
CA SER A 329 19.60 -26.77 -22.18
C SER A 329 20.60 -27.57 -23.01
N MET A 330 21.59 -26.88 -23.57
CA MET A 330 22.84 -27.43 -24.09
C MET A 330 22.75 -28.76 -24.84
N LEU A 331 22.93 -28.71 -26.16
CA LEU A 331 23.04 -29.89 -27.02
C LEU A 331 21.82 -30.80 -26.99
N PRO A 332 20.61 -30.31 -27.31
CA PRO A 332 19.47 -31.23 -27.42
C PRO A 332 19.15 -31.55 -28.87
N ASN A 333 17.86 -31.54 -29.20
CA ASN A 333 17.38 -31.68 -30.57
C ASN A 333 16.72 -30.39 -31.02
N GLN A 334 16.68 -30.19 -32.34
CA GLN A 334 16.25 -28.92 -32.91
C GLN A 334 15.17 -29.12 -33.96
N ARG A 335 14.15 -28.27 -33.91
CA ARG A 335 13.14 -28.15 -34.95
C ARG A 335 13.01 -26.68 -35.32
N VAL A 336 12.50 -26.42 -36.52
CA VAL A 336 12.41 -25.05 -37.01
C VAL A 336 11.26 -24.90 -38.01
N THR A 337 11.20 -23.73 -38.67
CA THR A 337 10.17 -23.44 -39.65
C THR A 337 10.81 -22.73 -40.84
N LEU A 338 10.00 -22.54 -41.88
CA LEU A 338 10.50 -22.15 -43.20
C LEU A 338 10.34 -20.65 -43.45
N LYS A 339 11.05 -20.20 -44.48
CA LYS A 339 10.92 -18.87 -45.07
C LYS A 339 11.68 -18.88 -46.39
N VAL A 340 13.01 -18.90 -46.31
CA VAL A 340 13.88 -19.19 -47.45
C VAL A 340 15.03 -20.06 -46.96
N ILE A 341 16.27 -19.60 -47.13
CA ILE A 341 17.46 -20.37 -46.77
C ILE A 341 18.37 -19.52 -45.91
N ARG A 342 18.62 -19.97 -44.68
CA ARG A 342 19.59 -19.38 -43.76
C ARG A 342 19.20 -17.99 -43.28
N ASP A 343 19.84 -16.95 -43.80
CA ASP A 343 19.56 -15.60 -43.34
C ASP A 343 18.23 -15.11 -43.92
N LYS A 344 17.65 -14.13 -43.23
CA LYS A 344 16.30 -13.63 -43.54
C LYS A 344 15.29 -14.77 -43.50
N LYS A 345 15.35 -15.57 -42.44
CA LYS A 345 14.41 -16.66 -42.21
C LYS A 345 13.38 -16.26 -41.18
N GLU A 346 12.35 -17.09 -41.06
CA GLU A 346 11.27 -16.87 -40.10
C GLU A 346 11.02 -18.18 -39.36
N ARG A 347 11.16 -18.14 -38.04
CA ARG A 347 10.98 -19.32 -37.20
C ARG A 347 9.61 -19.26 -36.53
N ALA A 348 8.83 -20.33 -36.70
CA ALA A 348 7.52 -20.44 -36.08
C ALA A 348 7.63 -21.37 -34.87
N PHE A 349 7.28 -20.87 -33.69
CA PHE A 349 7.41 -21.61 -32.46
C PHE A 349 6.18 -22.50 -32.25
N THR A 350 6.42 -23.78 -31.94
CA THR A 350 5.33 -24.72 -31.74
C THR A 350 5.78 -25.92 -30.90
N LEU A 351 6.16 -27.00 -31.56
CA LEU A 351 6.42 -28.26 -30.87
C LEU A 351 7.92 -28.52 -30.70
N THR A 352 8.30 -29.80 -30.65
CA THR A 352 9.68 -30.19 -30.40
C THR A 352 10.40 -30.57 -31.69
N ILE B 10 17.88 -32.15 -6.79
CA ILE B 10 17.62 -32.35 -5.36
C ILE B 10 16.25 -32.95 -5.16
N GLN B 11 15.76 -32.90 -3.92
CA GLN B 11 14.44 -33.40 -3.56
C GLN B 11 13.60 -32.21 -3.11
N ILE B 12 13.04 -31.49 -4.07
CA ILE B 12 12.19 -30.34 -3.78
C ILE B 12 10.78 -30.83 -3.47
N GLN B 13 10.23 -30.38 -2.35
CA GLN B 13 8.95 -30.84 -1.84
C GLN B 13 7.89 -29.83 -2.26
N SER B 14 7.15 -30.15 -3.32
CA SER B 14 6.07 -29.29 -3.77
C SER B 14 4.84 -29.51 -2.90
N MET B 15 4.02 -28.48 -2.82
CA MET B 15 2.82 -28.52 -2.00
C MET B 15 1.62 -28.92 -2.85
N PRO B 16 0.53 -29.39 -2.22
CA PRO B 16 -0.68 -29.68 -3.01
C PRO B 16 -1.18 -28.46 -3.76
N LYS B 17 -1.82 -28.72 -4.89
CA LYS B 17 -2.42 -27.65 -5.68
C LYS B 17 -3.52 -26.96 -4.91
N VAL B 18 -3.75 -25.69 -5.24
CA VAL B 18 -4.83 -24.92 -4.62
C VAL B 18 -6.14 -25.30 -5.28
N LYS B 19 -7.07 -25.82 -4.49
CA LYS B 19 -8.40 -26.21 -4.96
C LYS B 19 -9.43 -25.10 -4.75
N GLU B 20 -9.49 -24.52 -3.56
CA GLU B 20 -10.48 -23.52 -3.21
C GLU B 20 -9.79 -22.22 -2.79
N ARG B 21 -10.54 -21.13 -2.92
CA ARG B 21 -10.09 -19.79 -2.59
C ARG B 21 -11.12 -19.16 -1.66
N VAL B 22 -10.67 -18.71 -0.48
CA VAL B 22 -11.54 -18.16 0.55
C VAL B 22 -11.30 -16.65 0.63
N SER B 23 -12.39 -15.88 0.57
CA SER B 23 -12.33 -14.44 0.70
C SER B 23 -13.12 -13.98 1.91
N VAL B 24 -13.67 -12.77 1.85
CA VAL B 24 -14.52 -12.21 2.90
C VAL B 24 -15.97 -12.49 2.52
N PRO B 25 -16.96 -12.24 3.41
CA PRO B 25 -18.36 -12.37 3.00
C PRO B 25 -18.68 -11.70 1.68
N SER B 26 -19.16 -12.49 0.71
CA SER B 26 -19.41 -12.03 -0.65
C SER B 26 -20.78 -11.39 -0.81
N LYS B 27 -21.44 -11.03 0.30
CA LYS B 27 -22.75 -10.40 0.22
C LYS B 27 -22.62 -8.99 -0.34
N ASP B 28 -23.66 -8.57 -1.08
CA ASP B 28 -23.70 -7.24 -1.66
C ASP B 28 -24.24 -6.18 -0.69
N ASP B 29 -24.71 -6.60 0.48
CA ASP B 29 -25.26 -5.67 1.47
C ASP B 29 -24.36 -5.52 2.69
N THR B 30 -23.22 -6.20 2.73
CA THR B 30 -22.35 -6.20 3.88
C THR B 30 -20.91 -5.95 3.44
N ILE B 31 -20.17 -5.18 4.24
CA ILE B 31 -18.77 -4.89 3.99
C ILE B 31 -17.93 -5.43 5.14
N TYR B 32 -16.67 -5.74 4.84
CA TYR B 32 -15.72 -6.15 5.85
C TYR B 32 -14.97 -4.91 6.34
N SER B 33 -14.94 -4.72 7.66
CA SER B 33 -14.39 -3.49 8.22
C SER B 33 -13.98 -3.73 9.66
N TYR B 34 -12.87 -3.13 10.07
CA TYR B 34 -12.38 -3.22 11.44
C TYR B 34 -12.88 -2.09 12.32
N HIS B 35 -13.93 -1.39 11.89
CA HIS B 35 -14.39 -0.21 12.63
C HIS B 35 -14.90 -0.59 14.01
N ASP B 36 -15.80 -1.58 14.09
CA ASP B 36 -16.39 -1.97 15.36
C ASP B 36 -15.35 -2.41 16.38
N SER B 37 -14.13 -2.74 15.94
CA SER B 37 -13.06 -3.15 16.85
C SER B 37 -12.20 -1.98 17.30
N ILE B 38 -11.98 -0.99 16.44
CA ILE B 38 -11.09 0.13 16.74
C ILE B 38 -11.83 1.41 17.04
N LYS B 39 -13.16 1.38 17.09
CA LYS B 39 -13.92 2.62 17.31
C LYS B 39 -13.72 3.15 18.71
N ASP B 40 -13.70 2.28 19.72
CA ASP B 40 -13.58 2.74 21.10
C ASP B 40 -12.18 3.25 21.41
N SER B 41 -11.16 2.58 20.86
CA SER B 41 -9.79 2.98 21.16
C SER B 41 -9.42 4.31 20.51
N ILE B 42 -10.08 4.65 19.40
CA ILE B 42 -9.84 5.95 18.75
C ILE B 42 -10.21 7.10 19.68
N LYS B 43 -11.23 6.91 20.52
CA LYS B 43 -11.67 7.96 21.42
C LYS B 43 -10.61 8.35 22.45
N ALA B 44 -9.59 7.52 22.64
CA ALA B 44 -8.59 7.76 23.68
C ALA B 44 -7.26 8.26 23.14
N VAL B 45 -7.11 8.40 21.83
CA VAL B 45 -5.85 8.83 21.23
C VAL B 45 -5.95 10.34 20.98
N VAL B 46 -5.14 11.10 21.71
CA VAL B 46 -5.22 12.56 21.69
C VAL B 46 -4.13 13.10 20.79
N ASN B 47 -4.27 14.38 20.42
CA ASN B 47 -3.24 15.12 19.73
C ASN B 47 -2.45 15.96 20.73
N ILE B 48 -1.16 16.15 20.44
CA ILE B 48 -0.27 16.90 21.31
C ILE B 48 0.38 18.00 20.48
N SER B 49 0.02 19.24 20.77
CA SER B 49 0.56 20.42 20.09
C SER B 49 1.18 21.37 21.11
N THR B 50 1.61 22.52 20.64
CA THR B 50 2.17 23.58 21.47
C THR B 50 1.28 24.81 21.39
N GLU B 51 1.66 25.84 22.16
CA GLU B 51 0.95 27.12 22.10
C GLU B 51 1.52 28.03 21.01
N LYS B 52 2.82 27.96 20.78
CA LYS B 52 3.46 28.76 19.75
C LYS B 52 4.63 28.01 19.13
N MET B 85 -3.25 22.92 12.45
CA MET B 85 -2.21 23.93 12.28
C MET B 85 -0.84 23.30 12.50
N GLU B 86 0.20 23.92 11.94
CA GLU B 86 1.56 23.40 12.03
C GLU B 86 2.17 23.59 13.41
N ARG B 87 1.40 23.26 14.46
CA ARG B 87 1.91 23.24 15.83
C ARG B 87 2.06 21.81 16.36
N ALA B 88 1.90 20.82 15.49
CA ALA B 88 1.82 19.43 15.95
C ALA B 88 3.18 18.92 16.40
N LEU B 89 3.16 18.22 17.54
CA LEU B 89 4.31 17.46 18.00
C LEU B 89 4.17 15.97 17.74
N GLY B 90 3.04 15.40 18.13
CA GLY B 90 2.77 13.99 17.91
C GLY B 90 1.42 13.57 18.45
N SER B 91 1.33 12.37 18.99
CA SER B 91 0.09 11.85 19.55
C SER B 91 0.37 11.26 20.95
N GLY B 92 -0.71 10.90 21.61
CA GLY B 92 -0.67 10.23 22.90
C GLY B 92 -1.98 9.51 23.12
N VAL B 93 -2.02 8.68 24.16
CA VAL B 93 -3.24 7.96 24.50
C VAL B 93 -3.59 8.24 25.95
N ILE B 94 -4.89 8.22 26.24
CA ILE B 94 -5.38 8.38 27.60
C ILE B 94 -5.30 7.03 28.30
N ILE B 95 -4.72 7.01 29.51
CA ILE B 95 -4.57 5.79 30.28
C ILE B 95 -5.35 5.82 31.59
N SER B 96 -5.90 6.96 31.99
CA SER B 96 -6.71 7.06 33.20
C SER B 96 -7.88 7.99 32.92
N LYS B 97 -9.04 7.67 33.49
CA LYS B 97 -10.24 8.45 33.23
C LYS B 97 -10.16 9.87 33.81
N ASP B 98 -9.25 10.11 34.75
CA ASP B 98 -9.12 11.44 35.35
C ASP B 98 -8.08 12.31 34.67
N GLY B 99 -7.41 11.82 33.62
CA GLY B 99 -6.66 12.71 32.75
C GLY B 99 -5.20 12.38 32.48
N TYR B 100 -4.76 11.16 32.76
CA TYR B 100 -3.37 10.80 32.50
C TYR B 100 -3.18 10.35 31.06
N ILE B 101 -2.12 10.86 30.42
CA ILE B 101 -1.83 10.59 29.02
C ILE B 101 -0.37 10.15 28.91
N VAL B 102 -0.14 9.02 28.24
CA VAL B 102 1.21 8.56 27.93
C VAL B 102 1.54 8.94 26.51
N THR B 103 2.82 9.24 26.28
CA THR B 103 3.31 9.62 24.95
C THR B 103 4.79 9.29 24.90
N ASN B 104 5.43 9.66 23.78
CA ASN B 104 6.86 9.51 23.64
C ASN B 104 7.59 10.68 24.30
N ASN B 105 8.75 10.38 24.88
CA ASN B 105 9.56 11.44 25.48
C ASN B 105 10.02 12.43 24.42
N HIS B 106 10.32 11.95 23.22
CA HIS B 106 10.79 12.83 22.15
C HIS B 106 9.69 13.67 21.53
N VAL B 107 8.42 13.36 21.79
CA VAL B 107 7.34 14.17 21.26
C VAL B 107 7.21 15.48 22.05
N ILE B 108 7.40 15.42 23.36
CA ILE B 108 7.22 16.60 24.21
C ILE B 108 8.54 17.21 24.65
N ASP B 109 9.67 16.70 24.17
CA ASP B 109 10.97 17.25 24.54
C ASP B 109 11.12 18.65 23.98
N GLY B 110 11.06 19.65 24.85
CA GLY B 110 11.12 21.03 24.42
C GLY B 110 9.75 21.61 24.11
N ALA B 111 9.05 22.07 25.14
CA ALA B 111 7.71 22.61 24.96
C ALA B 111 7.42 23.56 26.11
N ASP B 112 6.45 24.45 25.87
CA ASP B 112 6.06 25.42 26.90
C ASP B 112 5.31 24.73 28.04
N LYS B 113 4.12 24.21 27.76
CA LYS B 113 3.38 23.42 28.73
C LYS B 113 2.52 22.33 28.10
N ILE B 114 2.59 22.12 26.78
CA ILE B 114 1.88 21.07 26.05
C ILE B 114 0.37 21.31 26.02
N LYS B 115 -0.18 21.37 24.82
CA LYS B 115 -1.61 21.50 24.60
C LYS B 115 -2.16 20.19 24.04
N VAL B 116 -3.24 19.70 24.62
CA VAL B 116 -3.81 18.40 24.28
C VAL B 116 -5.21 18.62 23.72
N THR B 117 -5.52 17.92 22.63
CA THR B 117 -6.85 17.95 22.02
C THR B 117 -7.41 16.55 22.00
N ILE B 118 -8.59 16.37 22.61
CA ILE B 118 -9.29 15.09 22.58
C ILE B 118 -10.18 15.05 21.34
N PRO B 119 -10.45 13.87 20.78
CA PRO B 119 -11.35 13.77 19.63
C PRO B 119 -12.81 13.94 20.02
N ASN B 122 -14.08 18.18 21.19
CA ASN B 122 -13.37 19.08 22.08
C ASN B 122 -12.33 19.89 21.34
N LYS B 123 -11.67 20.81 22.06
CA LYS B 123 -10.62 21.65 21.46
C LYS B 123 -9.79 22.29 22.56
N GLU B 124 -8.47 22.10 22.48
CA GLU B 124 -7.48 22.83 23.28
C GLU B 124 -7.60 22.57 24.78
N TYR B 125 -6.69 21.77 25.33
CA TYR B 125 -6.58 21.53 26.76
C TYR B 125 -5.13 21.67 27.18
N SER B 126 -4.89 22.42 28.26
CA SER B 126 -3.54 22.61 28.76
C SER B 126 -3.11 21.43 29.62
N ALA B 127 -1.87 20.99 29.42
CA ALA B 127 -1.32 19.83 30.11
C ALA B 127 -0.20 20.26 31.05
N THR B 128 0.41 19.26 31.70
CA THR B 128 1.54 19.48 32.59
C THR B 128 2.34 18.19 32.68
N LEU B 129 3.65 18.32 32.76
CA LEU B 129 4.53 17.15 32.76
C LEU B 129 4.44 16.40 34.08
N VAL B 130 4.13 15.12 34.02
CA VAL B 130 4.10 14.27 35.21
C VAL B 130 5.42 13.54 35.41
N GLY B 131 5.98 13.00 34.34
CA GLY B 131 7.26 12.29 34.44
C GLY B 131 7.79 11.95 33.06
N THR B 132 9.08 11.65 33.02
CA THR B 132 9.75 11.29 31.78
C THR B 132 10.67 10.10 32.02
N ASP B 133 11.08 9.47 30.91
CA ASP B 133 12.09 8.42 30.96
C ASP B 133 12.63 8.26 29.54
N SER B 134 13.75 8.91 29.26
CA SER B 134 14.33 8.89 27.93
C SER B 134 14.85 7.52 27.53
N GLU B 135 15.19 6.67 28.50
CA GLU B 135 15.63 5.32 28.19
C GLU B 135 14.52 4.53 27.50
N SER B 136 13.33 4.51 28.12
CA SER B 136 12.17 3.88 27.50
C SER B 136 11.48 4.77 26.48
N ASP B 137 11.86 6.04 26.40
CA ASP B 137 11.23 7.01 25.50
C ASP B 137 9.73 7.12 25.76
N LEU B 138 9.38 7.26 27.04
CA LEU B 138 8.00 7.38 27.48
C LEU B 138 7.84 8.61 28.36
N ALA B 139 6.71 9.29 28.19
CA ALA B 139 6.40 10.47 28.98
C ALA B 139 4.95 10.40 29.44
N VAL B 140 4.67 11.12 30.53
CA VAL B 140 3.34 11.19 31.10
C VAL B 140 2.98 12.65 31.32
N ILE B 141 1.84 13.08 30.78
CA ILE B 141 1.30 14.42 30.99
C ILE B 141 -0.13 14.27 31.50
N ARG B 142 -0.68 15.37 31.99
CA ARG B 142 -2.01 15.35 32.60
C ARG B 142 -2.81 16.58 32.20
N ILE B 143 -4.07 16.36 31.84
CA ILE B 143 -5.02 17.44 31.60
C ILE B 143 -6.10 17.37 32.69
N THR B 144 -6.88 18.44 32.80
CA THR B 144 -7.84 18.56 33.89
C THR B 144 -9.26 18.34 33.37
N LYS B 145 -9.52 17.09 32.98
CA LYS B 145 -10.83 16.65 32.56
C LYS B 145 -11.21 15.39 33.32
N ASP B 146 -12.48 15.00 33.22
CA ASP B 146 -13.04 13.90 33.97
C ASP B 146 -13.77 12.96 33.03
N ASN B 147 -13.91 11.71 33.47
CA ASN B 147 -14.63 10.67 32.72
C ASN B 147 -14.14 10.58 31.27
N LEU B 148 -12.84 10.75 31.09
CA LEU B 148 -12.25 10.69 29.76
C LEU B 148 -12.33 9.26 29.22
N PRO B 149 -12.38 9.10 27.90
CA PRO B 149 -12.26 7.76 27.32
C PRO B 149 -10.91 7.15 27.65
N THR B 150 -10.93 6.00 28.31
CA THR B 150 -9.71 5.34 28.76
C THR B 150 -9.35 4.20 27.83
N ILE B 151 -8.06 3.88 27.78
CA ILE B 151 -7.53 2.79 26.97
C ILE B 151 -7.13 1.65 27.90
N LYS B 152 -7.61 0.45 27.60
CA LYS B 152 -7.30 -0.72 28.40
C LYS B 152 -6.03 -1.39 27.86
N PHE B 153 -5.22 -1.90 28.79
CA PHE B 153 -3.92 -2.48 28.44
C PHE B 153 -4.06 -3.98 28.21
N SER B 154 -3.43 -4.47 27.15
CA SER B 154 -3.31 -5.89 26.89
C SER B 154 -1.96 -6.40 27.38
N ASP B 155 -1.93 -7.65 27.81
CA ASP B 155 -0.69 -8.29 28.22
C ASP B 155 0.18 -8.51 26.99
N SER B 156 1.24 -7.69 26.85
CA SER B 156 2.08 -7.77 25.67
C SER B 156 2.86 -9.07 25.58
N ASN B 157 2.96 -9.82 26.68
CA ASN B 157 3.64 -11.11 26.67
C ASN B 157 2.81 -12.21 26.02
N ASP B 158 1.57 -11.92 25.62
CA ASP B 158 0.71 -12.90 24.97
C ASP B 158 0.62 -12.71 23.46
N ILE B 159 1.21 -11.64 22.92
CA ILE B 159 1.14 -11.43 21.48
C ILE B 159 2.23 -12.26 20.79
N SER B 160 2.00 -12.55 19.52
CA SER B 160 2.93 -13.34 18.72
C SER B 160 3.10 -12.68 17.36
N VAL B 161 4.17 -13.08 16.66
CA VAL B 161 4.41 -12.58 15.32
C VAL B 161 3.29 -13.05 14.41
N GLY B 162 2.56 -12.09 13.84
CA GLY B 162 1.42 -12.39 13.00
C GLY B 162 0.09 -11.90 13.56
N ASP B 163 0.07 -11.27 14.73
CA ASP B 163 -1.17 -10.76 15.30
C ASP B 163 -1.60 -9.49 14.60
N LEU B 164 -2.92 -9.34 14.41
CA LEU B 164 -3.46 -8.16 13.77
C LEU B 164 -3.35 -6.97 14.72
N VAL B 165 -2.73 -5.88 14.25
CA VAL B 165 -2.56 -4.67 15.05
C VAL B 165 -2.90 -3.46 14.22
N PHE B 166 -3.36 -2.40 14.90
CA PHE B 166 -3.73 -1.14 14.28
C PHE B 166 -2.97 -0.02 14.99
N ALA B 167 -2.37 0.87 14.21
CA ALA B 167 -1.63 2.02 14.75
C ALA B 167 -2.51 3.26 14.62
N ILE B 168 -3.08 3.68 15.75
CA ILE B 168 -3.95 4.86 15.79
C ILE B 168 -3.12 6.08 16.13
N GLY B 169 -3.49 7.22 15.55
CA GLY B 169 -2.80 8.46 15.85
C GLY B 169 -3.67 9.64 15.53
N ASN B 170 -3.52 10.70 16.32
CA ASN B 170 -4.19 11.98 16.09
C ASN B 170 -3.13 13.00 15.68
N PRO B 171 -2.83 13.12 14.39
CA PRO B 171 -1.69 13.95 13.98
C PRO B 171 -1.89 15.44 14.19
N PHE B 172 -2.98 16.01 13.68
CA PHE B 172 -3.16 17.46 13.63
C PHE B 172 -4.41 17.93 14.36
N GLY B 173 -4.88 17.16 15.35
CA GLY B 173 -5.98 17.56 16.18
C GLY B 173 -7.34 17.62 15.51
N VAL B 174 -7.43 17.47 14.19
CA VAL B 174 -8.70 17.55 13.49
C VAL B 174 -9.35 16.18 13.30
N GLY B 175 -8.72 15.11 13.77
CA GLY B 175 -9.28 13.79 13.61
C GLY B 175 -8.22 12.73 13.82
N GLU B 176 -8.69 11.48 13.83
CA GLU B 176 -7.82 10.34 14.06
C GLU B 176 -7.28 9.78 12.75
N SER B 177 -6.18 9.04 12.86
CA SER B 177 -5.59 8.35 11.72
C SER B 177 -5.18 6.95 12.17
N VAL B 178 -5.70 5.93 11.51
CA VAL B 178 -5.41 4.54 11.87
C VAL B 178 -4.78 3.84 10.68
N THR B 179 -3.83 2.95 10.97
CA THR B 179 -3.17 2.16 9.94
C THR B 179 -3.15 0.71 10.40
N GLN B 180 -3.37 -0.20 9.46
CA GLN B 180 -3.49 -1.62 9.75
C GLN B 180 -2.22 -2.36 9.35
N GLY B 181 -1.78 -3.27 10.20
CA GLY B 181 -0.61 -4.08 9.93
C GLY B 181 -0.67 -5.33 10.78
N ILE B 182 0.49 -5.93 11.02
CA ILE B 182 0.62 -7.09 11.89
C ILE B 182 1.84 -6.91 12.79
N VAL B 183 2.00 -7.82 13.74
CA VAL B 183 3.20 -7.87 14.57
C VAL B 183 4.31 -8.52 13.72
N SER B 184 5.35 -7.74 13.42
CA SER B 184 6.40 -8.25 12.53
C SER B 184 7.44 -9.07 13.29
N ALA B 185 7.87 -8.61 14.45
CA ALA B 185 8.89 -9.31 15.22
C ALA B 185 8.78 -8.89 16.68
N LEU B 186 9.34 -9.72 17.55
CA LEU B 186 9.36 -9.45 18.98
C LEU B 186 10.76 -9.64 19.56
N PHE B 199 11.62 -3.90 21.95
CA PHE B 199 10.66 -3.28 21.05
C PHE B 199 9.73 -4.30 20.40
N ILE B 200 8.65 -3.80 19.81
CA ILE B 200 7.75 -4.58 18.98
C ILE B 200 7.84 -4.05 17.56
N GLN B 201 8.09 -4.94 16.61
CA GLN B 201 8.19 -4.56 15.21
C GLN B 201 6.87 -4.82 14.51
N THR B 202 6.47 -3.90 13.64
CA THR B 202 5.22 -4.03 12.93
C THR B 202 5.37 -3.46 11.53
N ASP B 203 4.55 -3.96 10.61
CA ASP B 203 4.50 -3.43 9.25
C ASP B 203 3.40 -2.40 9.07
N ALA B 204 2.64 -2.10 10.12
CA ALA B 204 1.75 -0.96 10.09
C ALA B 204 2.55 0.34 10.11
N SER B 205 1.97 1.39 9.53
CA SER B 205 2.68 2.66 9.42
C SER B 205 2.93 3.26 10.79
N ILE B 206 4.18 3.61 11.06
CA ILE B 206 4.57 4.31 12.29
C ILE B 206 5.33 5.56 11.84
N ASN B 207 4.62 6.66 11.67
CA ASN B 207 5.15 7.93 11.23
C ASN B 207 5.09 8.95 12.37
N PRO B 208 5.73 10.12 12.20
CA PRO B 208 5.65 11.14 13.25
C PRO B 208 4.23 11.48 13.69
N GLY B 209 3.23 11.27 12.84
CA GLY B 209 1.86 11.49 13.26
C GLY B 209 1.36 10.42 14.22
N ASN B 210 1.91 9.20 14.12
CA ASN B 210 1.55 8.10 14.99
C ASN B 210 2.36 8.05 16.27
N SER B 211 3.48 8.79 16.35
CA SER B 211 4.39 8.64 17.48
C SER B 211 3.71 9.03 18.78
N GLY B 212 3.78 8.13 19.77
CA GLY B 212 3.09 8.31 21.02
C GLY B 212 1.65 7.82 21.02
N GLY B 213 1.10 7.49 19.86
CA GLY B 213 -0.26 6.99 19.76
C GLY B 213 -0.37 5.55 20.23
N ALA B 214 -1.48 4.93 19.84
CA ALA B 214 -1.82 3.59 20.29
C ALA B 214 -1.47 2.56 19.23
N LEU B 215 -1.04 1.39 19.68
CA LEU B 215 -0.94 0.19 18.85
C LEU B 215 -1.82 -0.86 19.53
N ILE B 216 -2.98 -1.14 18.92
CA ILE B 216 -4.00 -1.99 19.53
C ILE B 216 -4.07 -3.31 18.79
N ASP B 217 -4.60 -4.32 19.46
CA ASP B 217 -4.79 -5.64 18.88
C ASP B 217 -6.15 -5.67 18.16
N SER B 218 -6.68 -6.86 17.89
CA SER B 218 -7.98 -6.94 17.25
C SER B 218 -9.09 -6.57 18.21
N ARG B 219 -8.90 -6.81 19.50
CA ARG B 219 -9.89 -6.40 20.50
C ARG B 219 -10.01 -4.88 20.57
N GLY B 220 -8.90 -4.18 20.40
CA GLY B 220 -8.82 -2.77 20.71
C GLY B 220 -7.98 -2.45 21.93
N GLY B 221 -7.34 -3.45 22.54
CA GLY B 221 -6.52 -3.21 23.71
C GLY B 221 -5.09 -2.86 23.34
N LEU B 222 -4.46 -2.07 24.20
CA LEU B 222 -3.12 -1.56 23.92
C LEU B 222 -2.11 -2.69 24.04
N VAL B 223 -1.40 -2.97 22.94
CA VAL B 223 -0.26 -3.86 22.96
C VAL B 223 1.05 -3.11 22.82
N GLY B 224 1.00 -1.79 22.68
CA GLY B 224 2.20 -0.98 22.58
C GLY B 224 1.94 0.48 22.27
N ILE B 225 2.94 1.33 22.57
CA ILE B 225 2.89 2.76 22.25
C ILE B 225 3.87 3.01 21.10
N ASN B 226 3.38 3.63 20.03
CA ASN B 226 4.18 3.82 18.84
C ASN B 226 5.41 4.67 19.11
N THR B 227 6.47 4.42 18.34
CA THR B 227 7.68 5.23 18.35
C THR B 227 8.17 5.38 16.92
N ALA B 228 8.12 6.60 16.40
CA ALA B 228 8.57 6.89 15.04
C ALA B 228 10.06 7.18 15.07
N ILE B 229 10.86 6.19 14.68
CA ILE B 229 12.32 6.34 14.63
C ILE B 229 12.66 7.04 13.32
N ILE B 230 12.98 8.33 13.40
CA ILE B 230 13.29 9.12 12.21
C ILE B 230 14.57 8.64 11.55
N HIS B 237 12.72 1.54 6.10
CA HIS B 237 11.89 1.28 4.94
C HIS B 237 10.42 1.25 5.31
N GLY B 238 9.91 0.05 5.60
CA GLY B 238 8.55 -0.11 6.06
C GLY B 238 8.48 -0.95 7.32
N ILE B 239 9.22 -0.56 8.34
CA ILE B 239 9.33 -1.31 9.59
C ILE B 239 9.20 -0.29 10.73
N GLY B 240 7.98 -0.11 11.24
CA GLY B 240 7.78 0.73 12.40
C GLY B 240 7.98 -0.03 13.69
N PHE B 241 8.07 0.72 14.79
CA PHE B 241 8.34 0.15 16.10
C PHE B 241 7.37 0.70 17.12
N ALA B 242 7.30 0.02 18.27
CA ALA B 242 6.42 0.41 19.36
C ALA B 242 6.91 -0.23 20.65
N ILE B 243 6.66 0.44 21.77
CA ILE B 243 7.10 -0.02 23.08
C ILE B 243 6.02 -0.92 23.66
N PRO B 244 6.34 -2.17 24.04
CA PRO B 244 5.29 -3.11 24.48
C PRO B 244 4.46 -2.57 25.64
N SER B 245 3.19 -2.98 25.66
CA SER B 245 2.24 -2.42 26.62
C SER B 245 2.57 -2.77 28.06
N ASN B 246 3.20 -3.92 28.30
CA ASN B 246 3.53 -4.31 29.66
C ASN B 246 4.62 -3.40 30.24
N MET B 247 5.57 -2.97 29.40
CA MET B 247 6.58 -2.03 29.86
C MET B 247 6.00 -0.64 30.05
N VAL B 248 5.11 -0.22 29.15
CA VAL B 248 4.41 1.04 29.32
C VAL B 248 3.61 1.03 30.62
N LYS B 249 3.01 -0.11 30.96
CA LYS B 249 2.25 -0.23 32.21
C LYS B 249 3.12 0.08 33.42
N ASP B 250 4.33 -0.49 33.45
CA ASP B 250 5.22 -0.29 34.58
C ASP B 250 5.77 1.14 34.60
N THR B 251 6.13 1.66 33.43
CA THR B 251 6.79 2.97 33.36
C THR B 251 5.84 4.09 33.80
N VAL B 252 4.59 4.06 33.31
CA VAL B 252 3.65 5.11 33.67
C VAL B 252 3.22 4.97 35.13
N THR B 253 3.27 3.77 35.68
CA THR B 253 2.93 3.60 37.09
C THR B 253 3.96 4.27 37.99
N GLN B 254 5.24 4.14 37.65
CA GLN B 254 6.29 4.79 38.44
C GLN B 254 6.34 6.29 38.18
N LEU B 255 6.07 6.71 36.95
CA LEU B 255 6.11 8.14 36.64
C LEU B 255 4.98 8.90 37.33
N ILE B 256 3.88 8.22 37.64
CA ILE B 256 2.79 8.88 38.36
C ILE B 256 3.06 8.85 39.85
N LYS B 257 3.60 7.75 40.37
CA LYS B 257 3.95 7.66 41.77
C LYS B 257 5.09 8.62 42.09
N THR B 258 6.31 8.23 41.74
CA THR B 258 7.47 9.10 41.92
C THR B 258 7.58 10.05 40.73
N GLY B 259 8.61 10.90 40.76
CA GLY B 259 8.82 11.84 39.67
C GLY B 259 9.31 11.15 38.41
N LYS B 260 10.19 10.15 38.56
CA LYS B 260 10.70 9.40 37.42
C LYS B 260 10.96 7.95 37.81
N ILE B 261 11.90 7.31 37.13
CA ILE B 261 12.23 5.91 37.37
C ILE B 261 13.66 5.82 37.90
N GLU B 262 13.85 5.03 38.96
CA GLU B 262 15.18 4.81 39.51
C GLU B 262 15.95 3.83 38.64
N ARG B 263 16.01 2.57 39.07
CA ARG B 263 16.71 1.50 38.35
C ARG B 263 18.18 1.85 38.10
N ILE C 12 -4.41 2.13 34.39
CA ILE C 12 -4.62 1.08 35.37
C ILE C 12 -5.52 -0.01 34.78
N GLN C 13 -6.56 0.41 34.07
CA GLN C 13 -7.51 -0.54 33.50
C GLN C 13 -6.84 -1.44 32.48
N SER C 14 -7.04 -2.74 32.62
CA SER C 14 -6.44 -3.74 31.76
C SER C 14 -7.52 -4.62 31.12
N MET C 15 -7.11 -5.38 30.13
CA MET C 15 -7.95 -6.27 29.35
C MET C 15 -7.91 -7.69 29.90
N PRO C 16 -8.96 -8.48 29.69
CA PRO C 16 -8.87 -9.91 29.98
C PRO C 16 -7.77 -10.54 29.13
N LYS C 17 -7.00 -11.44 29.76
CA LYS C 17 -5.93 -12.08 29.02
C LYS C 17 -6.52 -12.94 27.90
N VAL C 18 -5.84 -12.94 26.75
CA VAL C 18 -6.39 -13.57 25.56
C VAL C 18 -6.29 -15.09 25.70
N LYS C 19 -7.38 -15.78 25.39
CA LYS C 19 -7.46 -17.23 25.49
C LYS C 19 -7.44 -17.92 24.13
N GLU C 20 -8.22 -17.44 23.18
CA GLU C 20 -8.28 -18.01 21.84
C GLU C 20 -7.52 -17.13 20.85
N ARG C 21 -7.25 -17.70 19.67
CA ARG C 21 -6.53 -16.99 18.63
C ARG C 21 -6.97 -17.57 17.29
N VAL C 22 -7.80 -16.84 16.56
CA VAL C 22 -8.39 -17.31 15.32
C VAL C 22 -7.58 -16.77 14.15
N SER C 23 -7.64 -17.48 13.02
CA SER C 23 -6.89 -17.12 11.83
C SER C 23 -7.81 -17.29 10.62
N VAL C 24 -7.22 -17.41 9.44
CA VAL C 24 -7.95 -17.65 8.20
C VAL C 24 -8.15 -19.15 8.05
N PRO C 25 -8.63 -19.63 6.89
CA PRO C 25 -8.77 -21.08 6.71
C PRO C 25 -7.43 -21.80 6.78
N SER C 26 -6.57 -21.56 5.77
CA SER C 26 -5.19 -22.05 5.77
C SER C 26 -5.13 -23.58 5.77
N LYS C 27 -6.04 -24.21 5.03
CA LYS C 27 -5.92 -25.64 4.78
C LYS C 27 -4.89 -25.91 3.69
N ASP C 28 -4.46 -27.17 3.58
CA ASP C 28 -3.49 -27.51 2.55
C ASP C 28 -4.04 -27.34 1.14
N ASP C 29 -5.36 -27.40 0.97
CA ASP C 29 -5.98 -27.16 -0.32
C ASP C 29 -6.43 -25.71 -0.50
N THR C 30 -6.54 -24.95 0.58
CA THR C 30 -7.28 -23.69 0.60
C THR C 30 -6.36 -22.53 0.95
N ILE C 31 -6.45 -21.45 0.18
CA ILE C 31 -5.73 -20.21 0.45
C ILE C 31 -6.75 -19.12 0.76
N TYR C 32 -6.31 -18.12 1.52
CA TYR C 32 -7.12 -16.93 1.77
C TYR C 32 -6.75 -15.86 0.75
N SER C 33 -7.75 -15.33 0.06
CA SER C 33 -7.48 -14.44 -1.07
C SER C 33 -8.70 -13.57 -1.35
N TYR C 34 -8.47 -12.28 -1.52
CA TYR C 34 -9.51 -11.32 -1.88
C TYR C 34 -9.85 -11.34 -3.36
N HIS C 35 -9.31 -12.28 -4.13
CA HIS C 35 -9.43 -12.22 -5.59
C HIS C 35 -10.89 -12.23 -6.04
N ASP C 36 -11.72 -13.05 -5.40
CA ASP C 36 -13.13 -13.13 -5.79
C ASP C 36 -13.86 -11.82 -5.49
N SER C 37 -13.40 -11.07 -4.50
CA SER C 37 -14.05 -9.80 -4.16
C SER C 37 -13.62 -8.67 -5.09
N ILE C 38 -12.43 -8.78 -5.69
CA ILE C 38 -11.89 -7.73 -6.54
C ILE C 38 -11.96 -8.08 -8.02
N LYS C 39 -12.35 -9.31 -8.37
CA LYS C 39 -12.25 -9.78 -9.75
C LYS C 39 -13.02 -8.89 -10.71
N ASP C 40 -14.25 -8.50 -10.34
CA ASP C 40 -15.10 -7.75 -11.27
C ASP C 40 -14.75 -6.27 -11.32
N SER C 41 -14.33 -5.68 -10.20
CA SER C 41 -13.96 -4.27 -10.19
C SER C 41 -12.70 -4.00 -10.99
N ILE C 42 -11.85 -5.01 -11.18
CA ILE C 42 -10.60 -4.82 -11.93
C ILE C 42 -10.89 -4.53 -13.39
N LYS C 43 -11.94 -5.13 -13.95
CA LYS C 43 -12.23 -5.03 -15.38
C LYS C 43 -12.55 -3.60 -15.80
N ALA C 44 -12.97 -2.74 -14.88
CA ALA C 44 -13.37 -1.38 -15.21
C ALA C 44 -12.25 -0.37 -15.02
N VAL C 45 -11.05 -0.80 -14.63
CA VAL C 45 -9.92 0.10 -14.43
C VAL C 45 -9.04 0.03 -15.67
N VAL C 46 -9.10 1.07 -16.49
CA VAL C 46 -8.37 1.12 -17.75
C VAL C 46 -7.08 1.91 -17.59
N ASN C 47 -6.27 1.97 -18.65
CA ASN C 47 -5.04 2.73 -18.68
C ASN C 47 -5.20 3.96 -19.56
N ILE C 48 -4.73 5.10 -19.07
CA ILE C 48 -4.77 6.35 -19.81
C ILE C 48 -3.40 6.56 -20.46
N SER C 49 -3.38 6.66 -21.79
CA SER C 49 -2.15 6.79 -22.54
C SER C 49 -2.12 8.13 -23.28
N THR C 50 -0.91 8.57 -23.60
CA THR C 50 -0.70 9.83 -24.31
C THR C 50 0.18 9.55 -25.53
N GLU C 51 0.85 10.59 -26.00
CA GLU C 51 1.78 10.47 -27.13
C GLU C 51 2.85 11.55 -27.08
N ARG C 87 3.43 7.29 -24.25
CA ARG C 87 4.19 6.75 -23.14
C ARG C 87 3.28 6.34 -21.99
N ALA C 88 2.14 7.02 -21.88
CA ALA C 88 1.10 6.76 -20.88
C ALA C 88 1.54 7.09 -19.47
N LEU C 89 0.62 7.63 -18.66
CA LEU C 89 0.92 7.97 -17.28
C LEU C 89 -0.36 8.19 -16.47
N GLY C 90 -1.05 7.11 -16.14
CA GLY C 90 -2.24 7.22 -15.33
C GLY C 90 -3.14 6.00 -15.48
N SER C 91 -4.25 6.05 -14.75
CA SER C 91 -5.26 5.00 -14.79
C SER C 91 -6.63 5.66 -14.67
N GLY C 92 -7.65 4.99 -15.20
CA GLY C 92 -9.00 5.50 -15.16
C GLY C 92 -9.99 4.40 -14.83
N VAL C 93 -11.23 4.82 -14.55
CA VAL C 93 -12.31 3.90 -14.20
C VAL C 93 -13.49 4.15 -15.12
N ILE C 94 -14.06 3.07 -15.65
CA ILE C 94 -15.22 3.17 -16.55
C ILE C 94 -16.46 3.51 -15.73
N ILE C 95 -17.26 4.44 -16.24
CA ILE C 95 -18.44 4.95 -15.53
C ILE C 95 -19.73 4.47 -16.21
N SER C 96 -19.80 4.58 -17.53
CA SER C 96 -21.00 4.22 -18.29
C SER C 96 -20.75 2.93 -19.06
N LYS C 97 -21.79 2.12 -19.19
CA LYS C 97 -21.69 0.83 -19.88
C LYS C 97 -21.56 1.03 -21.38
CA ASP C 98 -21.55 3.95 -23.14
C ASP C 98 -20.14 4.39 -23.50
N GLY C 99 -19.24 4.33 -22.51
CA GLY C 99 -17.84 4.63 -22.75
C GLY C 99 -17.27 5.78 -21.93
N TYR C 100 -18.04 6.26 -20.96
CA TYR C 100 -17.58 7.36 -20.12
C TYR C 100 -16.63 6.86 -19.04
N ILE C 101 -15.49 7.53 -18.89
CA ILE C 101 -14.42 7.10 -18.02
C ILE C 101 -13.98 8.27 -17.15
N VAL C 102 -13.86 8.04 -15.84
CA VAL C 102 -13.40 9.05 -14.90
C VAL C 102 -11.91 8.85 -14.66
N THR C 103 -11.20 9.97 -14.48
CA THR C 103 -9.77 9.98 -14.20
C THR C 103 -9.50 11.20 -13.33
N ASN C 104 -8.24 11.40 -12.98
CA ASN C 104 -7.86 12.68 -12.40
C ASN C 104 -7.73 13.72 -13.50
N ASN C 105 -7.81 14.99 -13.11
CA ASN C 105 -7.57 16.06 -14.06
C ASN C 105 -6.09 16.22 -14.37
N HIS C 106 -5.22 15.95 -13.38
CA HIS C 106 -3.78 16.07 -13.55
C HIS C 106 -3.16 14.89 -14.30
N VAL C 107 -3.94 13.86 -14.61
CA VAL C 107 -3.42 12.75 -15.39
C VAL C 107 -3.31 13.12 -16.86
N ILE C 108 -4.20 13.98 -17.35
CA ILE C 108 -4.27 14.34 -18.77
C ILE C 108 -3.88 15.78 -19.02
N ASP C 109 -3.60 16.56 -17.98
CA ASP C 109 -3.28 17.98 -18.14
C ASP C 109 -2.04 18.17 -19.00
N GLY C 110 -2.23 18.45 -20.29
CA GLY C 110 -1.11 18.62 -21.19
C GLY C 110 -0.77 17.40 -22.00
N ALA C 111 -1.75 16.53 -22.26
CA ALA C 111 -1.54 15.31 -23.03
C ALA C 111 -1.94 15.55 -24.48
N ASP C 112 -1.09 15.09 -25.40
CA ASP C 112 -1.30 15.35 -26.82
C ASP C 112 -2.51 14.59 -27.36
N LYS C 113 -2.57 13.29 -27.12
CA LYS C 113 -3.65 12.45 -27.62
C LYS C 113 -4.00 11.41 -26.58
N ILE C 114 -5.23 11.47 -26.06
CA ILE C 114 -5.68 10.49 -25.08
C ILE C 114 -5.91 9.15 -25.76
N LYS C 115 -5.35 8.09 -25.18
CA LYS C 115 -5.60 6.73 -25.62
C LYS C 115 -5.88 5.86 -24.40
N VAL C 116 -6.77 4.89 -24.56
CA VAL C 116 -7.29 4.11 -23.46
C VAL C 116 -7.07 2.63 -23.77
N THR C 117 -6.11 2.01 -23.08
CA THR C 117 -5.97 0.56 -23.07
C THR C 117 -6.84 0.02 -21.95
N ILE C 118 -7.88 -0.72 -22.32
CA ILE C 118 -8.83 -1.27 -21.35
C ILE C 118 -8.45 -2.72 -21.06
N PRO C 119 -8.69 -3.22 -19.83
CA PRO C 119 -8.33 -4.60 -19.49
C PRO C 119 -9.41 -5.60 -19.89
N GLY C 120 -9.60 -5.75 -21.20
CA GLY C 120 -10.49 -6.77 -21.71
C GLY C 120 -9.82 -7.61 -22.77
N SER C 121 -8.52 -7.87 -22.58
CA SER C 121 -7.67 -8.46 -23.61
C SER C 121 -7.80 -7.66 -24.91
N ASN C 122 -7.67 -6.34 -24.79
CA ASN C 122 -7.83 -5.43 -25.90
C ASN C 122 -6.62 -4.50 -25.98
N LYS C 123 -6.53 -3.75 -27.07
CA LYS C 123 -5.39 -2.90 -27.34
C LYS C 123 -5.85 -1.49 -27.71
N GLU C 124 -5.24 -0.49 -27.05
CA GLU C 124 -5.33 0.94 -27.32
C GLU C 124 -6.55 1.42 -28.09
N TYR C 125 -7.50 2.02 -27.40
CA TYR C 125 -8.62 2.73 -28.00
C TYR C 125 -8.30 4.23 -28.09
N SER C 126 -9.19 4.96 -28.74
CA SER C 126 -9.08 6.41 -28.85
C SER C 126 -10.15 7.07 -28.00
N ALA C 127 -9.78 8.13 -27.29
CA ALA C 127 -10.66 8.79 -26.34
C ALA C 127 -10.64 10.30 -26.54
N THR C 128 -11.80 10.92 -26.33
CA THR C 128 -11.95 12.36 -26.43
C THR C 128 -12.35 12.94 -25.08
N LEU C 129 -11.93 14.18 -24.85
CA LEU C 129 -12.17 14.84 -23.56
C LEU C 129 -13.60 15.35 -23.47
N VAL C 130 -14.21 15.14 -22.30
CA VAL C 130 -15.57 15.57 -22.03
C VAL C 130 -15.62 16.76 -21.08
N GLY C 131 -14.77 16.76 -20.06
CA GLY C 131 -14.72 17.87 -19.13
C GLY C 131 -13.56 17.69 -18.16
N THR C 132 -13.19 18.81 -17.54
CA THR C 132 -12.03 18.81 -16.63
C THR C 132 -12.32 19.80 -15.50
N ASP C 133 -12.95 19.31 -14.43
CA ASP C 133 -13.20 20.14 -13.25
C ASP C 133 -11.86 20.34 -12.54
N SER C 134 -11.30 21.54 -12.67
CA SER C 134 -9.96 21.80 -12.15
C SER C 134 -9.93 21.76 -10.64
N GLU C 135 -10.94 22.35 -9.98
CA GLU C 135 -10.92 22.48 -8.53
C GLU C 135 -11.15 21.16 -7.80
N SER C 136 -11.60 20.12 -8.49
CA SER C 136 -11.85 18.83 -7.88
C SER C 136 -10.87 17.75 -8.34
N ASP C 137 -9.89 18.10 -9.17
CA ASP C 137 -8.92 17.15 -9.71
C ASP C 137 -9.60 15.95 -10.33
N LEU C 138 -10.65 16.22 -11.10
CA LEU C 138 -11.39 15.19 -11.81
C LEU C 138 -11.49 15.56 -13.28
N ALA C 139 -11.72 14.53 -14.11
CA ALA C 139 -11.90 14.73 -15.54
C ALA C 139 -12.59 13.50 -16.10
N VAL C 140 -13.30 13.69 -17.21
CA VAL C 140 -14.02 12.62 -17.88
C VAL C 140 -13.54 12.50 -19.31
N ILE C 141 -13.45 11.27 -19.80
CA ILE C 141 -13.14 10.97 -21.19
C ILE C 141 -14.12 9.92 -21.68
N ARG C 142 -14.26 9.83 -23.00
CA ARG C 142 -15.24 8.94 -23.62
C ARG C 142 -14.57 8.11 -24.70
N ILE C 143 -14.90 6.83 -24.74
CA ILE C 143 -14.45 5.92 -25.78
C ILE C 143 -15.66 5.33 -26.47
N THR C 144 -15.51 5.01 -27.76
CA THR C 144 -16.60 4.47 -28.57
C THR C 144 -16.61 2.95 -28.41
N LYS C 145 -17.24 2.50 -27.33
CA LYS C 145 -17.37 1.07 -27.05
C LYS C 145 -18.53 0.86 -26.09
N ASP C 146 -19.31 -0.17 -26.34
CA ASP C 146 -20.46 -0.52 -25.51
C ASP C 146 -20.22 -1.88 -24.86
N ASN C 147 -21.17 -2.28 -24.00
CA ASN C 147 -21.08 -3.54 -23.26
C ASN C 147 -19.79 -3.63 -22.45
N LEU C 148 -19.40 -2.50 -21.83
CA LEU C 148 -18.20 -2.36 -21.04
C LEU C 148 -18.46 -2.67 -19.56
N PRO C 149 -17.48 -3.22 -18.85
CA PRO C 149 -17.62 -3.38 -17.40
C PRO C 149 -17.64 -2.02 -16.71
N THR C 150 -18.67 -1.80 -15.89
CA THR C 150 -18.86 -0.53 -15.21
C THR C 150 -18.64 -0.70 -13.71
N ILE C 151 -18.14 0.36 -13.09
CA ILE C 151 -17.85 0.36 -11.66
C ILE C 151 -19.07 0.91 -10.93
N LYS C 152 -19.80 0.05 -10.25
CA LYS C 152 -20.93 0.50 -9.44
C LYS C 152 -20.41 1.33 -8.26
N PHE C 153 -21.06 2.47 -8.03
CA PHE C 153 -20.63 3.39 -6.99
C PHE C 153 -21.15 2.97 -5.63
N SER C 154 -20.30 3.12 -4.61
CA SER C 154 -20.69 2.91 -3.23
C SER C 154 -20.88 4.26 -2.55
N ASP C 155 -21.77 4.28 -1.55
CA ASP C 155 -22.10 5.53 -0.86
C ASP C 155 -20.91 5.96 -0.01
N SER C 156 -20.29 7.08 -0.37
CA SER C 156 -19.14 7.59 0.37
C SER C 156 -19.51 8.05 1.77
N ASN C 157 -20.78 8.37 2.02
CA ASN C 157 -21.21 8.80 3.34
C ASN C 157 -21.44 7.63 4.30
N ASP C 158 -21.41 6.40 3.80
CA ASP C 158 -21.62 5.23 4.65
C ASP C 158 -20.32 4.66 5.20
N ILE C 159 -19.18 5.01 4.63
CA ILE C 159 -17.92 4.41 5.03
C ILE C 159 -17.45 5.01 6.35
N SER C 160 -16.72 4.21 7.12
CA SER C 160 -16.16 4.65 8.39
C SER C 160 -14.72 4.20 8.48
N VAL C 161 -14.00 4.80 9.43
CA VAL C 161 -12.58 4.51 9.59
C VAL C 161 -12.38 3.05 9.92
N GLY C 162 -11.48 2.40 9.19
CA GLY C 162 -11.19 0.99 9.38
C GLY C 162 -11.79 0.06 8.34
N ASP C 163 -12.50 0.60 7.35
CA ASP C 163 -13.12 -0.25 6.34
C ASP C 163 -12.05 -0.84 5.43
N LEU C 164 -12.15 -2.14 5.17
CA LEU C 164 -11.23 -2.79 4.24
C LEU C 164 -11.44 -2.24 2.84
N VAL C 165 -10.39 -1.71 2.24
CA VAL C 165 -10.46 -1.09 0.93
C VAL C 165 -9.32 -1.61 0.05
N PHE C 166 -9.47 -1.40 -1.26
CA PHE C 166 -8.49 -1.83 -2.23
C PHE C 166 -8.33 -0.76 -3.30
N ALA C 167 -7.08 -0.44 -3.64
CA ALA C 167 -6.76 0.57 -4.65
C ALA C 167 -6.32 -0.15 -5.92
N ILE C 168 -7.15 -0.08 -6.96
CA ILE C 168 -6.88 -0.74 -8.23
C ILE C 168 -6.35 0.28 -9.22
N GLY C 169 -5.35 -0.12 -10.00
CA GLY C 169 -4.82 0.71 -11.06
C GLY C 169 -4.57 -0.12 -12.31
N ASN C 170 -4.21 0.57 -13.38
CA ASN C 170 -3.83 -0.08 -14.64
C ASN C 170 -2.66 0.70 -15.21
N PRO C 171 -1.45 0.48 -14.67
CA PRO C 171 -0.33 1.41 -14.95
C PRO C 171 0.05 1.50 -16.42
N PHE C 172 0.25 0.36 -17.09
CA PHE C 172 0.81 0.35 -18.44
C PHE C 172 -0.10 -0.33 -19.46
N GLY C 173 -1.35 -0.62 -19.12
CA GLY C 173 -2.24 -1.31 -20.03
C GLY C 173 -1.98 -2.80 -20.15
N VAL C 174 -1.02 -3.34 -19.40
CA VAL C 174 -0.70 -4.76 -19.47
C VAL C 174 -1.34 -5.56 -18.35
N GLY C 175 -1.72 -4.93 -17.25
CA GLY C 175 -2.34 -5.65 -16.15
C GLY C 175 -2.69 -4.69 -15.02
N GLU C 176 -3.57 -5.17 -14.15
CA GLU C 176 -4.02 -4.37 -13.03
C GLU C 176 -2.94 -4.27 -11.95
N SER C 177 -3.22 -3.47 -10.92
CA SER C 177 -2.26 -3.21 -9.85
C SER C 177 -3.06 -2.93 -8.57
N VAL C 178 -3.41 -3.99 -7.87
CA VAL C 178 -4.26 -3.90 -6.69
C VAL C 178 -3.39 -3.70 -5.45
N THR C 179 -3.86 -2.85 -4.55
CA THR C 179 -3.23 -2.62 -3.26
C THR C 179 -4.28 -2.82 -2.16
N GLN C 180 -3.83 -3.30 -1.00
CA GLN C 180 -4.71 -3.63 0.11
C GLN C 180 -4.46 -2.69 1.27
N GLY C 181 -5.54 -2.27 1.93
CA GLY C 181 -5.42 -1.40 3.08
C GLY C 181 -6.78 -1.14 3.68
N ILE C 182 -6.82 -0.18 4.61
CA ILE C 182 -8.06 0.21 5.26
C ILE C 182 -8.33 1.69 5.03
N VAL C 183 -9.45 2.18 5.56
CA VAL C 183 -9.74 3.61 5.59
C VAL C 183 -9.03 4.19 6.81
N SER C 184 -8.02 5.04 6.56
CA SER C 184 -7.20 5.56 7.65
C SER C 184 -7.92 6.68 8.39
N ALA C 185 -8.51 7.62 7.65
CA ALA C 185 -9.15 8.79 8.24
C ALA C 185 -10.16 9.35 7.25
N LEU C 186 -11.17 10.01 7.79
CA LEU C 186 -12.16 10.74 7.00
C LEU C 186 -12.18 12.20 7.46
N ASN C 187 -12.33 13.11 6.51
CA ASN C 187 -12.36 14.53 6.82
C ASN C 187 -13.77 15.08 6.78
N ASN C 198 -11.72 17.34 1.70
CA ASN C 198 -12.75 16.49 2.28
C ASN C 198 -12.59 15.07 1.75
N PHE C 199 -11.35 14.67 1.49
CA PHE C 199 -11.05 13.42 0.79
C PHE C 199 -11.07 12.21 1.72
N ILE C 200 -10.52 11.10 1.24
CA ILE C 200 -10.39 9.86 1.99
C ILE C 200 -8.91 9.55 2.15
N GLN C 201 -8.52 9.12 3.34
CA GLN C 201 -7.14 8.73 3.62
C GLN C 201 -7.05 7.20 3.69
N THR C 202 -6.03 6.64 3.05
CA THR C 202 -5.89 5.20 2.95
C THR C 202 -4.43 4.81 3.19
N ASP C 203 -4.22 3.75 3.97
CA ASP C 203 -2.88 3.19 4.13
C ASP C 203 -2.53 2.18 3.04
N ALA C 204 -3.48 1.84 2.17
CA ALA C 204 -3.14 1.13 0.95
C ALA C 204 -2.35 2.06 0.04
N SER C 205 -1.20 1.57 -0.44
CA SER C 205 -0.28 2.38 -1.24
C SER C 205 -0.97 3.00 -2.45
N ILE C 206 -1.09 4.32 -2.44
CA ILE C 206 -1.56 5.09 -3.60
C ILE C 206 -0.32 5.61 -4.32
N ASN C 207 -0.18 5.25 -5.59
CA ASN C 207 1.01 5.62 -6.35
C ASN C 207 0.60 6.12 -7.74
N PRO C 208 1.52 6.73 -8.51
CA PRO C 208 1.18 7.18 -9.86
C PRO C 208 0.51 6.13 -10.75
N GLY C 209 0.75 4.84 -10.49
CA GLY C 209 0.00 3.82 -11.21
C GLY C 209 -1.45 3.78 -10.78
N ASN C 210 -1.72 3.98 -9.50
CA ASN C 210 -3.08 3.99 -8.99
C ASN C 210 -3.84 5.26 -9.30
N SER C 211 -3.14 6.34 -9.66
CA SER C 211 -3.77 7.66 -9.76
C SER C 211 -4.87 7.65 -10.82
N GLY C 212 -6.06 8.09 -10.42
CA GLY C 212 -7.23 8.00 -11.25
C GLY C 212 -7.91 6.65 -11.25
N GLY C 213 -7.35 5.67 -10.55
CA GLY C 213 -7.92 4.34 -10.49
C GLY C 213 -8.99 4.23 -9.42
N ALA C 214 -9.44 2.99 -9.22
CA ALA C 214 -10.55 2.71 -8.33
C ALA C 214 -10.07 2.45 -6.90
N LEU C 215 -10.72 3.10 -5.94
CA LEU C 215 -10.66 2.73 -4.55
C LEU C 215 -12.01 2.14 -4.17
N ILE C 216 -12.02 0.86 -3.81
CA ILE C 216 -13.26 0.12 -3.63
C ILE C 216 -13.35 -0.40 -2.20
N ASP C 217 -14.50 -1.00 -1.89
CA ASP C 217 -14.73 -1.66 -0.62
C ASP C 217 -14.59 -3.18 -0.81
N SER C 218 -14.96 -3.94 0.22
CA SER C 218 -14.87 -5.40 0.12
C SER C 218 -15.88 -5.97 -0.87
N ARG C 219 -16.97 -5.26 -1.13
CA ARG C 219 -17.96 -5.69 -2.12
C ARG C 219 -17.55 -5.37 -3.54
N GLY C 220 -16.42 -4.69 -3.73
CA GLY C 220 -16.03 -4.26 -5.06
C GLY C 220 -16.72 -3.00 -5.53
N GLY C 221 -17.28 -2.21 -4.62
CA GLY C 221 -17.98 -0.99 -4.96
C GLY C 221 -17.10 0.23 -4.76
N LEU C 222 -17.12 1.11 -5.76
CA LEU C 222 -16.28 2.30 -5.76
C LEU C 222 -16.58 3.22 -4.59
N VAL C 223 -15.64 3.35 -3.66
CA VAL C 223 -15.77 4.32 -2.57
C VAL C 223 -14.89 5.55 -2.79
N GLY C 224 -14.04 5.54 -3.80
CA GLY C 224 -13.17 6.69 -4.03
C GLY C 224 -12.42 6.55 -5.34
N ILE C 225 -11.82 7.67 -5.75
CA ILE C 225 -10.97 7.72 -6.93
C ILE C 225 -9.57 8.14 -6.49
N ASN C 226 -8.59 7.31 -6.80
CA ASN C 226 -7.24 7.51 -6.26
C ASN C 226 -6.58 8.74 -6.85
N THR C 227 -5.91 9.51 -5.99
CA THR C 227 -5.12 10.66 -6.39
C THR C 227 -3.75 10.58 -5.71
N ALA C 228 -2.69 10.63 -6.51
CA ALA C 228 -1.34 10.65 -5.99
C ALA C 228 -0.89 12.08 -5.74
N ILE C 229 -0.28 12.30 -4.58
CA ILE C 229 0.18 13.63 -4.17
C ILE C 229 1.67 13.53 -3.81
N ILE C 230 2.49 14.28 -4.54
CA ILE C 230 3.96 14.26 -4.50
C ILE C 230 4.55 13.67 -3.23
N SER C 231 5.23 12.54 -3.36
CA SER C 231 5.85 11.87 -2.22
C SER C 231 7.10 12.60 -1.77
N HIS C 237 5.44 9.76 1.91
CA HIS C 237 4.70 9.33 3.10
C HIS C 237 4.04 7.97 2.86
N GLY C 238 3.51 7.38 3.92
CA GLY C 238 2.83 6.11 3.83
C GLY C 238 1.32 6.22 3.88
N ILE C 239 0.80 7.39 3.53
CA ILE C 239 -0.62 7.68 3.56
C ILE C 239 -1.05 8.14 2.17
N GLY C 240 -2.07 7.49 1.62
CA GLY C 240 -2.61 7.86 0.33
C GLY C 240 -3.97 8.52 0.45
N PHE C 241 -4.37 9.27 -0.58
CA PHE C 241 -5.62 10.01 -0.55
C PHE C 241 -6.46 9.67 -1.77
N ALA C 242 -7.78 9.76 -1.61
CA ALA C 242 -8.70 9.49 -2.69
C ALA C 242 -9.93 10.39 -2.57
N ILE C 243 -10.49 10.75 -3.71
CA ILE C 243 -11.68 11.60 -3.75
C ILE C 243 -12.90 10.73 -3.47
N PRO C 244 -13.77 11.13 -2.53
CA PRO C 244 -14.92 10.29 -2.19
C PRO C 244 -15.82 10.04 -3.40
N SER C 245 -16.47 8.88 -3.40
CA SER C 245 -17.24 8.46 -4.57
C SER C 245 -18.49 9.30 -4.76
N ASN C 246 -19.06 9.83 -3.67
CA ASN C 246 -20.21 10.72 -3.81
C ASN C 246 -19.83 12.00 -4.54
N MET C 247 -18.65 12.56 -4.22
CA MET C 247 -18.20 13.75 -4.92
C MET C 247 -17.89 13.47 -6.38
N VAL C 248 -17.38 12.27 -6.69
CA VAL C 248 -17.09 11.93 -8.08
C VAL C 248 -18.38 11.79 -8.86
N LYS C 249 -19.37 11.08 -8.31
CA LYS C 249 -20.62 10.87 -9.02
C LYS C 249 -21.33 12.20 -9.31
N ASP C 250 -21.31 13.12 -8.34
CA ASP C 250 -21.92 14.43 -8.58
C ASP C 250 -21.14 15.22 -9.62
N THR C 251 -19.81 15.21 -9.53
CA THR C 251 -18.99 15.98 -10.47
C THR C 251 -19.00 15.37 -11.87
N VAL C 252 -19.15 14.04 -11.96
CA VAL C 252 -19.15 13.40 -13.28
C VAL C 252 -20.46 13.65 -14.01
N THR C 253 -21.59 13.57 -13.31
CA THR C 253 -22.88 13.79 -13.95
C THR C 253 -23.01 15.23 -14.46
N GLN C 254 -22.57 16.20 -13.67
CA GLN C 254 -22.59 17.59 -14.11
C GLN C 254 -21.61 17.83 -15.25
N LEU C 255 -20.65 16.94 -15.45
CA LEU C 255 -19.70 17.05 -16.54
C LEU C 255 -20.20 16.41 -17.83
N ILE C 256 -21.00 15.35 -17.74
CA ILE C 256 -21.54 14.72 -18.94
C ILE C 256 -22.77 15.46 -19.46
N LYS C 257 -23.43 16.24 -18.60
CA LYS C 257 -24.57 17.05 -19.04
C LYS C 257 -24.10 18.38 -19.64
N THR C 258 -23.45 19.21 -18.82
CA THR C 258 -22.96 20.50 -19.27
C THR C 258 -21.44 20.40 -19.44
N GLY C 259 -20.73 21.51 -19.25
CA GLY C 259 -19.30 21.51 -19.03
C GLY C 259 -18.95 21.54 -17.56
N LYS C 260 -19.96 21.53 -16.68
CA LYS C 260 -19.83 21.55 -15.23
C LYS C 260 -19.10 22.78 -14.72
N ILE C 261 -19.85 23.71 -14.14
CA ILE C 261 -19.29 24.88 -13.47
C ILE C 261 -20.30 25.37 -12.45
N GLU C 262 -19.84 25.61 -11.23
CA GLU C 262 -20.68 26.13 -10.16
C GLU C 262 -19.98 27.24 -9.41
N ARG C 263 -19.33 28.13 -10.15
CA ARG C 263 -18.61 29.26 -9.56
C ARG C 263 -18.48 30.35 -10.61
N GLY C 264 -18.10 31.53 -10.16
CA GLY C 264 -17.93 32.66 -11.06
C GLY C 264 -16.47 32.94 -11.38
N TYR C 265 -15.95 34.04 -10.85
CA TYR C 265 -14.56 34.40 -11.06
C TYR C 265 -13.69 33.82 -9.94
N LEU C 266 -12.37 34.04 -10.07
CA LEU C 266 -11.45 33.79 -8.97
C LEU C 266 -10.22 34.68 -9.06
N GLY C 267 -10.39 35.90 -9.55
CA GLY C 267 -9.31 36.86 -9.66
C GLY C 267 -8.70 37.19 -8.33
N VAL C 268 -7.78 36.33 -7.86
CA VAL C 268 -7.11 36.51 -6.58
C VAL C 268 -5.90 35.59 -6.52
N GLY C 269 -5.46 35.27 -5.30
CA GLY C 269 -4.31 34.39 -5.14
C GLY C 269 -3.98 34.13 -3.68
N LEU C 270 -2.73 34.42 -3.30
CA LEU C 270 -2.29 34.23 -1.92
C LEU C 270 -2.95 35.23 -0.97
N GLU C 285 -8.05 40.88 8.42
CA GLU C 285 -6.97 40.47 7.53
C GLU C 285 -7.36 39.20 6.77
N GLY C 286 -7.67 39.36 5.48
CA GLY C 286 -8.19 38.26 4.68
C GLY C 286 -7.24 37.72 3.63
N ALA C 287 -7.75 37.50 2.43
CA ALA C 287 -6.99 36.88 1.35
C ALA C 287 -6.48 37.95 0.38
N VAL C 288 -5.22 37.81 -0.01
CA VAL C 288 -4.56 38.79 -0.88
C VAL C 288 -4.85 38.45 -2.34
N VAL C 289 -5.19 39.47 -3.12
CA VAL C 289 -5.38 39.30 -4.56
C VAL C 289 -4.02 39.36 -5.25
N ILE C 290 -3.73 38.36 -6.07
CA ILE C 290 -2.47 38.29 -6.79
C ILE C 290 -2.65 38.66 -8.26
N SER C 291 -3.72 38.21 -8.88
CA SER C 291 -3.96 38.47 -10.30
C SER C 291 -5.42 38.78 -10.53
N VAL C 292 -5.69 39.72 -11.43
CA VAL C 292 -7.05 40.07 -11.84
C VAL C 292 -7.16 39.75 -13.33
N GLU C 293 -7.84 38.67 -13.66
CA GLU C 293 -7.94 38.22 -15.04
C GLU C 293 -8.62 39.27 -15.92
N LYS C 294 -8.16 39.38 -17.16
CA LYS C 294 -8.74 40.34 -18.08
C LYS C 294 -10.18 39.97 -18.43
N ASP C 295 -11.06 40.98 -18.49
CA ASP C 295 -12.48 40.78 -18.79
C ASP C 295 -13.14 39.85 -17.77
N SER C 296 -12.92 40.14 -16.50
CA SER C 296 -13.45 39.38 -15.39
C SER C 296 -14.32 40.27 -14.51
N PRO C 297 -15.20 39.69 -13.69
CA PRO C 297 -15.98 40.53 -12.76
C PRO C 297 -15.11 41.29 -11.77
N ALA C 298 -13.90 40.81 -11.48
CA ALA C 298 -13.04 41.53 -10.54
C ALA C 298 -12.43 42.78 -11.19
N LYS C 299 -12.03 42.68 -12.46
CA LYS C 299 -11.49 43.84 -13.15
C LYS C 299 -12.58 44.87 -13.45
N LYS C 300 -13.75 44.41 -13.90
CA LYS C 300 -14.83 45.33 -14.20
C LYS C 300 -15.32 46.07 -12.96
N ALA C 301 -15.29 45.42 -11.80
CA ALA C 301 -15.70 46.08 -10.57
C ALA C 301 -14.66 47.10 -10.11
N GLY C 302 -13.37 46.78 -10.30
CA GLY C 302 -12.31 47.69 -9.92
C GLY C 302 -11.34 47.12 -8.92
N ILE C 303 -11.23 45.79 -8.88
CA ILE C 303 -10.33 45.11 -7.96
C ILE C 303 -8.95 45.07 -8.62
N LEU C 304 -8.05 45.94 -8.16
CA LEU C 304 -6.69 45.95 -8.65
C LEU C 304 -5.88 44.86 -7.98
N VAL C 305 -4.62 44.71 -8.41
CA VAL C 305 -3.71 43.77 -7.77
C VAL C 305 -3.33 44.31 -6.38
N TRP C 306 -2.97 43.39 -5.48
CA TRP C 306 -2.59 43.67 -4.10
C TRP C 306 -3.77 44.09 -3.24
N ASP C 307 -4.99 43.84 -3.69
CA ASP C 307 -6.17 44.03 -2.87
C ASP C 307 -6.32 42.88 -1.88
N LEU C 308 -6.89 43.18 -0.73
CA LEU C 308 -7.08 42.20 0.34
C LEU C 308 -8.57 42.07 0.62
N ILE C 309 -9.18 41.03 0.08
CA ILE C 309 -10.60 40.77 0.31
C ILE C 309 -10.79 40.32 1.76
N THR C 310 -11.59 41.06 2.52
CA THR C 310 -11.85 40.74 3.92
C THR C 310 -13.19 40.05 4.13
N GLU C 311 -14.27 40.60 3.58
CA GLU C 311 -15.61 40.07 3.78
C GLU C 311 -16.31 39.94 2.44
N VAL C 312 -16.78 38.74 2.12
CA VAL C 312 -17.70 38.53 1.01
C VAL C 312 -19.11 38.64 1.56
N ASN C 313 -19.87 39.61 1.03
CA ASN C 313 -21.20 39.91 1.54
C ASN C 313 -21.15 40.21 3.04
N GLY C 314 -21.52 39.24 3.86
CA GLY C 314 -21.50 39.42 5.30
C GLY C 314 -20.42 38.61 6.00
N LYS C 315 -20.19 37.39 5.52
CA LYS C 315 -19.24 36.50 6.16
C LYS C 315 -17.81 37.01 5.98
N LYS C 316 -17.07 37.11 7.08
CA LYS C 316 -15.68 37.53 7.04
C LYS C 316 -14.80 36.38 6.59
N VAL C 317 -13.82 36.70 5.74
CA VAL C 317 -12.91 35.72 5.17
C VAL C 317 -11.58 35.78 5.92
N LYS C 318 -11.13 34.63 6.42
CA LYS C 318 -9.87 34.57 7.16
C LYS C 318 -8.69 34.47 6.20
N ASN C 319 -8.63 33.41 5.40
CA ASN C 319 -7.52 33.20 4.46
C ASN C 319 -8.01 32.92 3.05
N THR C 320 -7.13 32.41 2.19
CA THR C 320 -7.50 32.19 0.80
C THR C 320 -8.48 31.02 0.66
N ASN C 321 -8.23 29.93 1.39
CA ASN C 321 -9.08 28.74 1.25
C ASN C 321 -10.50 29.02 1.70
N GLU C 322 -10.66 29.81 2.77
CA GLU C 322 -12.01 30.19 3.22
C GLU C 322 -12.74 30.97 2.13
N LEU C 323 -12.03 31.89 1.47
CA LEU C 323 -12.64 32.67 0.39
C LEU C 323 -12.99 31.79 -0.80
N ARG C 324 -12.09 30.90 -1.20
CA ARG C 324 -12.36 30.04 -2.35
C ARG C 324 -13.55 29.13 -2.10
N ASN C 325 -13.83 28.79 -0.84
CA ASN C 325 -15.02 28.00 -0.54
C ASN C 325 -16.30 28.78 -0.84
N LEU C 326 -16.34 30.06 -0.46
CA LEU C 326 -17.55 30.85 -0.64
C LEU C 326 -17.83 31.10 -2.12
N ILE C 327 -16.79 31.43 -2.90
CA ILE C 327 -16.99 31.69 -4.32
C ILE C 327 -17.41 30.42 -5.06
N GLY C 328 -16.99 29.26 -4.57
CA GLY C 328 -17.39 28.00 -5.18
C GLY C 328 -18.77 27.53 -4.80
N SER C 329 -19.29 27.96 -3.64
CA SER C 329 -20.64 27.58 -3.26
C SER C 329 -21.69 28.32 -4.06
N MET C 330 -21.35 29.51 -4.56
CA MET C 330 -22.30 30.32 -5.32
C MET C 330 -22.40 29.80 -6.75
N LEU C 331 -23.64 29.67 -7.23
CA LEU C 331 -23.91 29.08 -8.54
C LEU C 331 -23.70 30.09 -9.66
N PRO C 332 -22.77 31.06 -9.47
CA PRO C 332 -22.42 32.03 -10.54
C PRO C 332 -23.57 32.88 -11.03
N ASN C 333 -23.21 33.96 -11.74
CA ASN C 333 -24.17 34.93 -12.28
C ASN C 333 -25.09 35.49 -11.20
N GLN C 334 -24.58 35.62 -9.97
CA GLN C 334 -25.33 36.19 -8.86
C GLN C 334 -24.55 37.35 -8.26
N ARG C 335 -25.27 38.22 -7.56
CA ARG C 335 -24.71 39.46 -7.05
C ARG C 335 -24.08 39.26 -5.68
N VAL C 336 -22.85 39.76 -5.52
CA VAL C 336 -22.15 39.73 -4.24
C VAL C 336 -21.38 41.04 -4.08
N THR C 337 -21.30 41.51 -2.84
CA THR C 337 -20.52 42.68 -2.49
C THR C 337 -19.29 42.24 -1.68
N LEU C 338 -18.18 42.93 -1.89
CA LEU C 338 -16.92 42.57 -1.27
C LEU C 338 -16.40 43.72 -0.42
N LYS C 339 -15.49 43.40 0.49
CA LYS C 339 -14.82 44.37 1.35
C LYS C 339 -13.32 44.28 1.09
N VAL C 340 -12.76 45.33 0.49
CA VAL C 340 -11.36 45.35 0.08
C VAL C 340 -10.63 46.41 0.89
N ILE C 341 -9.45 46.07 1.38
CA ILE C 341 -8.64 46.97 2.20
C ILE C 341 -7.32 47.20 1.46
N ARG C 342 -7.23 48.31 0.75
CA ARG C 342 -5.99 48.77 0.13
C ARG C 342 -5.51 49.97 0.94
N ASP C 343 -4.91 49.69 2.11
CA ASP C 343 -4.56 50.66 3.14
C ASP C 343 -5.80 51.24 3.80
N LYS C 344 -6.85 51.51 3.02
CA LYS C 344 -8.14 51.95 3.52
C LYS C 344 -9.23 51.04 2.99
N LYS C 345 -10.20 50.72 3.84
CA LYS C 345 -11.26 49.79 3.48
C LYS C 345 -12.12 50.36 2.37
N GLU C 346 -12.26 49.61 1.28
CA GLU C 346 -13.03 50.04 0.11
C GLU C 346 -13.92 48.89 -0.33
N ARG C 347 -15.22 49.12 -0.35
CA ARG C 347 -16.18 48.09 -0.73
C ARG C 347 -16.49 48.16 -2.23
N ALA C 348 -16.99 47.05 -2.76
CA ALA C 348 -17.28 46.96 -4.19
C ALA C 348 -18.38 45.94 -4.42
N PHE C 349 -19.28 46.25 -5.36
CA PHE C 349 -20.35 45.36 -5.77
C PHE C 349 -19.99 44.75 -7.13
N THR C 350 -20.15 43.44 -7.24
CA THR C 350 -19.76 42.73 -8.45
C THR C 350 -20.81 41.67 -8.78
N LEU C 351 -20.70 41.14 -10.00
CA LEU C 351 -21.58 40.09 -10.49
C LEU C 351 -20.69 38.96 -11.00
N THR C 352 -20.64 37.85 -10.25
CA THR C 352 -19.74 36.76 -10.61
C THR C 352 -20.12 36.17 -11.97
N LEU C 353 -19.11 35.63 -12.66
CA LEU C 353 -19.31 35.09 -13.99
C LEU C 353 -19.46 33.57 -13.95
N ALA D 1 26.67 -19.29 -21.96
CA ALA D 1 26.39 -18.24 -22.93
C ALA D 1 26.36 -18.79 -24.35
N ALA D 2 26.60 -20.10 -24.48
CA ALA D 2 26.61 -20.75 -25.79
C ALA D 2 26.25 -22.21 -25.62
N ALA D 3 25.78 -22.81 -26.71
CA ALA D 3 25.42 -24.23 -26.75
C ALA D 3 25.12 -24.69 -28.17
N ALA D 4 24.27 -25.70 -28.32
CA ALA D 4 23.87 -26.19 -29.62
C ALA D 4 22.51 -26.88 -29.54
#